data_3PFP
#
_entry.id   3PFP
#
_cell.length_a   203.579
_cell.length_b   203.579
_cell.length_c   66.490
_cell.angle_alpha   90.00
_cell.angle_beta   90.00
_cell.angle_gamma   120.00
#
_symmetry.space_group_name_H-M   'P 32 2 1'
#
loop_
_entity.id
_entity.type
_entity.pdbx_description
1 polymer 'Probable 3-deoxy-D-arabino-heptulosonate 7-phosphate synthase AroG'
2 non-polymer 'MANGANESE (II) ION'
3 non-polymer '(2S)-2,7-bis(phosphonooxy)heptanoic acid'
4 non-polymer '(2R)-2,7-bis(phosphonooxy)heptanoic acid'
5 non-polymer 'CHLORIDE ION'
6 non-polymer 'SULFATE ION'
7 water water
#
_entity_poly.entity_id   1
_entity_poly.type   'polypeptide(L)'
_entity_poly.pdbx_seq_one_letter_code
;GAMNWTVDIPIDQLPSLPPLPTDLRTRLDAALAKPAAQQPTWPADQALAMRTVLESVPPVTVPSEIVRLQEQLAQVAKGE
AFLLQGGDCAETFMDNTEPHIRGNVRALLQMAVVLTYGASMPVVKVARIAGQYAKPRSADIDALGLRSYRGDMINGFAPD
AAAREHDPSRLVRAYANASAAMNLVRALTSSGLASLHLVHDWNREFVRTSPAGARYEALATEIDRGLRFMSACGVADRNL
QTAEIYASHEALVLDYERAMLRLSDGDDGEPQLFDLSAHTVWIGERTRQIDGAHIAFAQVIANPVGVKLGPNMTPELAVE
YVERLDPHNKPGRLTLVSRMGNHKVRDLLPPIVEKVQATGHQVIWQCDPMHGNTHESSTGFKTRHFDRIVDEVQGFFEVH
RALGTHPGGIHVEITGENVTECLGGAQDISETDLAGRYETACDPRLNTQQSLELAFLVAEMLRD
;
_entity_poly.pdbx_strand_id   A,B
#
# COMPACT_ATOMS: atom_id res chain seq x y z
CA GLY A 1 13.72 10.64 -24.68
C GLY A 1 13.85 12.09 -24.23
N ALA A 2 15.09 12.59 -24.19
CA ALA A 2 15.37 13.98 -23.79
C ALA A 2 14.72 15.03 -24.70
N MET A 3 14.44 14.64 -25.94
CA MET A 3 13.83 15.53 -26.93
C MET A 3 12.29 15.58 -26.82
N ASN A 4 11.68 14.51 -26.33
CA ASN A 4 10.22 14.37 -26.24
C ASN A 4 9.59 14.76 -24.89
N TRP A 5 10.43 15.04 -23.88
CA TRP A 5 9.99 15.19 -22.48
C TRP A 5 9.19 13.95 -22.02
N THR A 6 9.74 12.79 -22.34
CA THR A 6 9.16 11.50 -22.02
C THR A 6 10.26 10.60 -21.50
N VAL A 7 9.96 9.83 -20.47
CA VAL A 7 10.87 8.80 -20.04
C VAL A 7 10.33 7.41 -20.38
N ASP A 8 11.21 6.55 -20.86
CA ASP A 8 10.84 5.19 -21.18
C ASP A 8 11.31 4.29 -20.04
N ILE A 9 10.36 3.62 -19.39
CA ILE A 9 10.68 2.77 -18.27
C ILE A 9 10.58 1.31 -18.70
N PRO A 10 11.73 0.61 -18.76
CA PRO A 10 11.72 -0.80 -19.08
C PRO A 10 10.81 -1.60 -18.16
N ILE A 11 10.03 -2.47 -18.77
CA ILE A 11 9.22 -3.42 -18.03
C ILE A 11 10.10 -4.65 -17.84
N ASP A 12 10.45 -4.92 -16.59
CA ASP A 12 11.27 -6.07 -16.26
C ASP A 12 10.53 -7.39 -16.57
N GLN A 13 11.21 -8.26 -17.30
CA GLN A 13 10.63 -9.54 -17.73
C GLN A 13 11.05 -10.63 -16.75
N LEU A 14 10.15 -10.93 -15.83
CA LEU A 14 10.51 -11.75 -14.67
C LEU A 14 9.86 -13.12 -14.69
N PRO A 15 10.55 -14.13 -14.11
CA PRO A 15 10.07 -15.51 -14.07
C PRO A 15 8.65 -15.65 -13.52
N SER A 16 7.90 -16.56 -14.11
CA SER A 16 6.53 -16.83 -13.69
C SER A 16 6.48 -17.69 -12.43
N LEU A 17 5.47 -17.44 -11.61
CA LEU A 17 5.14 -18.30 -10.49
C LEU A 17 4.33 -19.51 -11.01
N PRO A 18 4.01 -20.49 -10.14
CA PRO A 18 3.18 -21.58 -10.67
C PRO A 18 1.85 -21.08 -11.24
N PRO A 19 1.37 -21.69 -12.34
CA PRO A 19 0.09 -21.26 -12.88
C PRO A 19 -1.06 -21.61 -11.93
N LEU A 20 -2.21 -21.03 -12.20
CA LEU A 20 -3.45 -21.35 -11.51
C LEU A 20 -3.85 -22.80 -11.78
N PRO A 21 -4.63 -23.41 -10.89
CA PRO A 21 -4.99 -24.82 -11.11
C PRO A 21 -5.66 -25.00 -12.47
N THR A 22 -5.37 -26.12 -13.10
CA THR A 22 -5.94 -26.48 -14.39
C THR A 22 -7.48 -26.45 -14.42
N ASP A 23 -8.14 -26.95 -13.37
CA ASP A 23 -9.59 -26.99 -13.39
C ASP A 23 -10.19 -25.59 -13.36
N LEU A 24 -9.60 -24.71 -12.58
CA LEU A 24 -10.10 -23.33 -12.52
C LEU A 24 -9.82 -22.60 -13.83
N ARG A 25 -8.64 -22.82 -14.40
CA ARG A 25 -8.29 -22.27 -15.70
C ARG A 25 -9.23 -22.75 -16.82
N THR A 26 -9.61 -24.03 -16.77
CA THR A 26 -10.55 -24.56 -17.75
C THR A 26 -11.88 -23.79 -17.68
N ARG A 27 -12.37 -23.56 -16.46
CA ARG A 27 -13.63 -22.81 -16.26
C ARG A 27 -13.48 -21.39 -16.79
N LEU A 28 -12.40 -20.73 -16.40
CA LEU A 28 -12.12 -19.37 -16.83
C LEU A 28 -12.05 -19.28 -18.35
N ASP A 29 -11.35 -20.22 -18.98
CA ASP A 29 -11.27 -20.22 -20.44
C ASP A 29 -12.62 -20.36 -21.15
N ALA A 30 -13.53 -21.18 -20.61
CA ALA A 30 -14.87 -21.29 -21.15
C ALA A 30 -15.64 -19.97 -21.01
N ALA A 31 -15.47 -19.30 -19.87
CA ALA A 31 -16.12 -18.03 -19.63
C ALA A 31 -15.59 -16.94 -20.57
N LEU A 32 -14.28 -16.93 -20.79
CA LEU A 32 -13.64 -15.92 -21.60
C LEU A 32 -13.74 -16.16 -23.09
N ALA A 33 -14.25 -17.33 -23.47
CA ALA A 33 -14.59 -17.61 -24.86
C ALA A 33 -15.81 -16.80 -25.31
N LYS A 34 -16.54 -16.24 -24.34
CA LYS A 34 -17.73 -15.45 -24.66
C LYS A 34 -17.34 -14.09 -25.25
N PRO A 35 -18.19 -13.52 -26.13
CA PRO A 35 -17.78 -12.23 -26.68
C PRO A 35 -17.74 -11.16 -25.59
N ALA A 36 -16.82 -10.22 -25.72
CA ALA A 36 -16.70 -9.15 -24.75
C ALA A 36 -16.80 -7.79 -25.44
N ALA A 37 -17.77 -6.98 -25.03
CA ALA A 37 -17.91 -5.63 -25.58
C ALA A 37 -16.82 -4.68 -25.03
N GLN A 38 -16.55 -3.61 -25.77
CA GLN A 38 -15.79 -2.44 -25.28
C GLN A 38 -14.33 -2.75 -24.94
N GLN A 39 -13.73 -3.74 -25.60
CA GLN A 39 -12.36 -4.12 -25.29
C GLN A 39 -11.36 -3.30 -26.10
N PRO A 40 -10.19 -3.10 -25.58
CA PRO A 40 -9.13 -2.47 -26.33
C PRO A 40 -8.73 -3.29 -27.54
N THR A 41 -8.24 -2.59 -28.51
CA THR A 41 -7.92 -3.16 -29.77
C THR A 41 -6.48 -3.54 -29.99
N TRP A 42 -5.66 -3.61 -28.97
CA TRP A 42 -4.28 -4.02 -29.09
C TRP A 42 -4.05 -5.48 -29.53
N PRO A 43 -2.93 -5.78 -30.15
CA PRO A 43 -2.66 -7.15 -30.62
C PRO A 43 -2.57 -8.16 -29.49
N ALA A 44 -3.01 -9.38 -29.79
CA ALA A 44 -3.06 -10.50 -28.85
C ALA A 44 -1.72 -10.80 -28.20
N ASP A 45 -0.66 -10.76 -28.99
CA ASP A 45 0.67 -11.10 -28.48
C ASP A 45 1.23 -10.06 -27.49
N GLN A 46 0.91 -8.80 -27.71
CA GLN A 46 1.28 -7.75 -26.76
C GLN A 46 0.48 -7.88 -25.47
N ALA A 47 -0.83 -8.07 -25.61
CA ALA A 47 -1.74 -8.30 -24.49
C ALA A 47 -1.24 -9.43 -23.60
N LEU A 48 -0.90 -10.56 -24.23
CA LEU A 48 -0.42 -11.75 -23.52
C LEU A 48 0.89 -11.49 -22.77
N ALA A 49 1.84 -10.84 -23.43
CA ALA A 49 3.09 -10.49 -22.79
C ALA A 49 2.85 -9.61 -21.56
N MET A 50 1.92 -8.65 -21.68
CA MET A 50 1.60 -7.75 -20.55
C MET A 50 0.88 -8.47 -19.40
N ARG A 51 -0.10 -9.31 -19.75
N ARG A 51 -0.09 -9.32 -19.75
CA ARG A 51 -0.78 -10.16 -18.78
CA ARG A 51 -0.78 -10.17 -18.77
C ARG A 51 0.20 -11.01 -17.99
C ARG A 51 0.17 -11.05 -18.00
N THR A 52 1.21 -11.53 -18.68
CA THR A 52 2.19 -12.41 -18.08
C THR A 52 3.02 -11.67 -17.03
N VAL A 53 3.33 -10.40 -17.28
CA VAL A 53 3.99 -9.57 -16.27
C VAL A 53 3.12 -9.49 -15.01
N LEU A 54 1.83 -9.20 -15.17
CA LEU A 54 0.94 -8.93 -14.03
C LEU A 54 0.54 -10.17 -13.23
N GLU A 55 0.64 -11.33 -13.87
CA GLU A 55 0.35 -12.61 -13.22
C GLU A 55 1.24 -12.91 -12.02
N SER A 56 2.37 -12.21 -11.89
CA SER A 56 3.26 -12.51 -10.78
C SER A 56 3.55 -11.34 -9.85
N VAL A 57 2.90 -10.20 -10.07
CA VAL A 57 3.08 -9.06 -9.19
C VAL A 57 2.32 -9.23 -7.86
N PRO A 58 2.78 -8.53 -6.80
CA PRO A 58 2.02 -8.51 -5.53
C PRO A 58 0.60 -8.01 -5.79
N PRO A 59 -0.41 -8.64 -5.18
CA PRO A 59 -1.77 -8.22 -5.47
C PRO A 59 -2.05 -6.84 -4.85
N VAL A 60 -3.10 -6.17 -5.33
CA VAL A 60 -3.54 -4.91 -4.77
C VAL A 60 -4.32 -5.12 -3.47
N THR A 61 -5.15 -6.16 -3.47
CA THR A 61 -5.91 -6.55 -2.27
C THR A 61 -5.58 -8.00 -1.90
N VAL A 62 -6.03 -8.45 -0.74
CA VAL A 62 -5.85 -9.87 -0.37
C VAL A 62 -7.20 -10.51 -0.04
N PRO A 63 -7.28 -11.85 -0.17
CA PRO A 63 -8.58 -12.55 -0.06
C PRO A 63 -9.29 -12.28 1.25
N SER A 64 -8.56 -12.28 2.37
CA SER A 64 -9.18 -12.06 3.67
C SER A 64 -9.92 -10.72 3.79
N GLU A 65 -9.43 -9.68 3.11
CA GLU A 65 -10.14 -8.39 3.04
C GLU A 65 -11.42 -8.48 2.24
N ILE A 66 -11.40 -9.31 1.20
CA ILE A 66 -12.56 -9.51 0.35
C ILE A 66 -13.63 -10.32 1.11
N VAL A 67 -13.20 -11.40 1.76
CA VAL A 67 -14.09 -12.12 2.69
C VAL A 67 -14.72 -11.19 3.74
N ARG A 68 -13.93 -10.32 4.36
N ARG A 68 -13.91 -10.32 4.34
CA ARG A 68 -14.47 -9.36 5.33
CA ARG A 68 -14.43 -9.35 5.32
C ARG A 68 -15.50 -8.39 4.71
C ARG A 68 -15.48 -8.39 4.71
N LEU A 69 -15.20 -7.84 3.53
CA LEU A 69 -16.16 -6.98 2.84
C LEU A 69 -17.48 -7.73 2.57
N GLN A 70 -17.37 -8.96 2.09
CA GLN A 70 -18.53 -9.81 1.84
C GLN A 70 -19.43 -9.88 3.08
N GLU A 71 -18.82 -10.03 4.25
CA GLU A 71 -19.55 -10.10 5.51
C GLU A 71 -20.23 -8.78 5.82
N GLN A 72 -19.54 -7.67 5.58
CA GLN A 72 -20.14 -6.36 5.80
C GLN A 72 -21.23 -6.05 4.78
N LEU A 73 -21.06 -6.54 3.56
CA LEU A 73 -22.10 -6.36 2.54
C LEU A 73 -23.33 -7.21 2.83
N ALA A 74 -23.13 -8.38 3.43
CA ALA A 74 -24.26 -9.22 3.82
C ALA A 74 -25.15 -8.45 4.82
N GLN A 75 -24.51 -7.75 5.75
CA GLN A 75 -25.19 -6.87 6.70
C GLN A 75 -26.00 -5.75 5.98
N VAL A 76 -25.43 -5.15 4.94
CA VAL A 76 -26.17 -4.18 4.13
C VAL A 76 -27.40 -4.82 3.51
N ALA A 77 -27.22 -5.96 2.85
CA ALA A 77 -28.29 -6.65 2.14
C ALA A 77 -29.46 -7.01 3.09
N LYS A 78 -29.14 -7.30 4.34
CA LYS A 78 -30.15 -7.62 5.36
C LYS A 78 -30.78 -6.38 6.03
N GLY A 79 -30.44 -5.19 5.53
CA GLY A 79 -31.00 -3.94 6.05
C GLY A 79 -30.40 -3.46 7.34
N GLU A 80 -29.20 -3.93 7.68
CA GLU A 80 -28.57 -3.54 8.93
C GLU A 80 -27.33 -2.66 8.74
N ALA A 81 -27.02 -2.31 7.50
CA ALA A 81 -25.95 -1.35 7.21
C ALA A 81 -26.25 -0.62 5.91
N PHE A 82 -25.44 0.38 5.60
CA PHE A 82 -25.65 1.22 4.42
C PHE A 82 -24.36 1.27 3.62
N LEU A 83 -24.47 1.21 2.30
CA LEU A 83 -23.29 1.24 1.43
C LEU A 83 -23.04 2.61 0.82
N LEU A 84 -21.85 3.17 1.09
CA LEU A 84 -21.41 4.37 0.39
C LEU A 84 -20.28 4.03 -0.58
N GLN A 85 -20.51 4.28 -1.87
CA GLN A 85 -19.49 4.02 -2.88
C GLN A 85 -19.26 5.29 -3.66
N GLY A 86 -18.01 5.71 -3.80
CA GLY A 86 -17.75 6.99 -4.45
C GLY A 86 -16.30 7.28 -4.80
N GLY A 87 -16.10 8.10 -5.82
CA GLY A 87 -14.75 8.54 -6.21
C GLY A 87 -14.81 9.07 -7.62
N ASP A 88 -13.65 9.16 -8.27
CA ASP A 88 -13.54 9.69 -9.63
C ASP A 88 -14.34 8.84 -10.60
N CYS A 89 -14.85 9.49 -11.66
CA CYS A 89 -15.40 8.76 -12.78
C CYS A 89 -14.30 7.97 -13.47
N ALA A 90 -13.19 8.66 -13.75
CA ALA A 90 -12.01 8.10 -14.39
C ALA A 90 -10.77 8.57 -13.65
N GLU A 91 -10.11 7.68 -12.89
CA GLU A 91 -8.85 8.08 -12.30
C GLU A 91 -7.86 8.28 -13.44
N THR A 92 -6.99 9.28 -13.35
CA THR A 92 -5.89 9.40 -14.30
C THR A 92 -4.57 9.17 -13.60
N PHE A 93 -3.57 8.73 -14.36
CA PHE A 93 -2.24 8.58 -13.81
C PHE A 93 -1.63 9.91 -13.32
N MET A 94 -1.91 10.97 -14.07
CA MET A 94 -1.39 12.30 -13.79
C MET A 94 -1.88 12.86 -12.46
N ASP A 95 -3.14 12.59 -12.12
CA ASP A 95 -3.73 13.12 -10.89
C ASP A 95 -3.74 12.06 -9.78
N ASN A 96 -3.02 10.96 -9.99
CA ASN A 96 -2.89 9.95 -8.96
C ASN A 96 -1.80 10.40 -8.01
N THR A 97 -2.12 11.43 -7.21
CA THR A 97 -1.15 12.08 -6.35
C THR A 97 -1.65 12.04 -4.91
N GLU A 98 -0.73 12.27 -3.97
CA GLU A 98 -1.05 12.29 -2.55
CA GLU A 98 -1.06 12.29 -2.55
C GLU A 98 -2.22 13.27 -2.27
N PRO A 99 -2.12 14.54 -2.75
CA PRO A 99 -3.24 15.45 -2.43
C PRO A 99 -4.58 15.03 -3.02
N HIS A 100 -4.56 14.46 -4.22
CA HIS A 100 -5.83 14.09 -4.83
C HIS A 100 -6.46 12.87 -4.16
N ILE A 101 -5.63 11.85 -3.89
CA ILE A 101 -6.09 10.66 -3.15
C ILE A 101 -6.56 11.02 -1.73
N ARG A 102 -5.76 11.80 -1.01
CA ARG A 102 -6.17 12.27 0.33
C ARG A 102 -7.50 13.02 0.28
N GLY A 103 -7.65 13.90 -0.72
CA GLY A 103 -8.89 14.65 -0.90
C GLY A 103 -10.10 13.76 -1.12
N ASN A 104 -9.96 12.74 -1.95
CA ASN A 104 -11.07 11.82 -2.19
C ASN A 104 -11.39 10.93 -1.00
N VAL A 105 -10.34 10.49 -0.29
CA VAL A 105 -10.52 9.68 0.93
C VAL A 105 -11.21 10.51 2.01
N ARG A 106 -10.74 11.73 2.21
CA ARG A 106 -11.40 12.67 3.13
C ARG A 106 -12.88 12.85 2.81
N ALA A 107 -13.19 13.14 1.56
CA ALA A 107 -14.57 13.37 1.15
C ALA A 107 -15.43 12.16 1.50
N LEU A 108 -14.90 10.97 1.25
CA LEU A 108 -15.64 9.74 1.53
C LEU A 108 -15.87 9.55 3.03
N LEU A 109 -14.85 9.84 3.83
CA LEU A 109 -14.97 9.74 5.29
C LEU A 109 -15.95 10.78 5.85
N GLN A 110 -15.91 11.99 5.31
CA GLN A 110 -16.80 13.08 5.70
C GLN A 110 -18.24 12.70 5.42
N MET A 111 -18.49 12.21 4.20
CA MET A 111 -19.83 11.74 3.85
C MET A 111 -20.26 10.60 4.75
N ALA A 112 -19.35 9.68 5.03
CA ALA A 112 -19.68 8.47 5.80
C ALA A 112 -20.20 8.78 7.21
N VAL A 113 -19.56 9.70 7.92
CA VAL A 113 -19.96 9.99 9.30
C VAL A 113 -21.36 10.61 9.32
N VAL A 114 -21.63 11.48 8.34
CA VAL A 114 -22.92 12.11 8.21
C VAL A 114 -23.98 11.08 7.86
N LEU A 115 -23.67 10.18 6.93
CA LEU A 115 -24.63 9.14 6.58
C LEU A 115 -24.85 8.16 7.73
N THR A 116 -23.79 7.87 8.48
CA THR A 116 -23.88 6.94 9.59
C THR A 116 -24.87 7.48 10.62
N TYR A 117 -24.70 8.76 10.94
CA TYR A 117 -25.60 9.40 11.90
C TYR A 117 -27.06 9.38 11.46
N GLY A 118 -27.29 9.67 10.17
CA GLY A 118 -28.64 9.73 9.63
C GLY A 118 -29.28 8.37 9.54
N ALA A 119 -28.46 7.37 9.21
CA ALA A 119 -28.95 6.00 9.03
C ALA A 119 -29.08 5.24 10.35
N SER A 120 -28.33 5.67 11.35
CA SER A 120 -28.28 4.97 12.64
C SER A 120 -27.86 3.50 12.47
N MET A 121 -26.93 3.28 11.54
CA MET A 121 -26.34 1.97 11.30
C MET A 121 -24.98 2.14 10.61
N PRO A 122 -24.13 1.10 10.65
CA PRO A 122 -22.81 1.24 10.01
C PRO A 122 -22.88 1.59 8.52
N VAL A 123 -21.87 2.31 8.05
CA VAL A 123 -21.75 2.59 6.63
C VAL A 123 -20.47 1.94 6.13
N VAL A 124 -20.60 1.08 5.11
CA VAL A 124 -19.45 0.44 4.47
C VAL A 124 -18.92 1.41 3.41
N LYS A 125 -17.61 1.66 3.42
CA LYS A 125 -17.01 2.65 2.52
C LYS A 125 -16.24 1.99 1.39
N VAL A 126 -16.67 2.24 0.15
CA VAL A 126 -16.04 1.64 -0.99
C VAL A 126 -15.66 2.78 -1.93
N ALA A 127 -14.36 2.94 -2.16
CA ALA A 127 -13.88 4.00 -3.03
C ALA A 127 -13.84 3.50 -4.47
N ARG A 128 -14.20 4.36 -5.42
CA ARG A 128 -13.82 4.18 -6.83
C ARG A 128 -12.39 4.68 -6.95
N ILE A 129 -11.43 3.77 -6.80
CA ILE A 129 -10.03 4.17 -6.68
C ILE A 129 -9.12 2.97 -6.88
N ALA A 130 -7.86 3.23 -7.16
CA ALA A 130 -6.82 2.20 -7.30
C ALA A 130 -7.15 1.19 -8.39
N GLY A 131 -7.66 1.69 -9.52
CA GLY A 131 -8.01 0.79 -10.63
C GLY A 131 -9.11 1.28 -11.57
N GLN A 132 -9.73 2.43 -11.29
CA GLN A 132 -10.81 2.94 -12.11
C GLN A 132 -10.24 3.67 -13.35
N TYR A 133 -9.54 2.90 -14.20
CA TYR A 133 -8.70 3.45 -15.26
C TYR A 133 -9.17 3.10 -16.67
N ALA A 134 -10.36 2.52 -16.79
CA ALA A 134 -10.84 2.14 -18.11
C ALA A 134 -12.30 2.48 -18.22
N LYS A 135 -12.67 3.04 -19.36
CA LYS A 135 -14.03 3.50 -19.62
C LYS A 135 -14.57 2.86 -20.89
N PRO A 136 -15.85 2.48 -20.87
CA PRO A 136 -16.52 2.19 -22.15
C PRO A 136 -16.88 3.53 -22.79
N ARG A 137 -16.98 3.56 -24.11
CA ARG A 137 -17.48 4.76 -24.77
C ARG A 137 -18.68 4.46 -25.63
N SER A 138 -19.53 5.48 -25.79
CA SER A 138 -20.69 5.39 -26.67
C SER A 138 -20.28 5.42 -28.13
N ALA A 139 -19.22 6.18 -28.42
CA ALA A 139 -18.83 6.43 -29.82
C ALA A 139 -17.36 6.15 -30.03
N ASP A 140 -17.04 5.56 -31.17
CA ASP A 140 -15.65 5.25 -31.52
C ASP A 140 -14.87 6.49 -31.93
N ILE A 141 -15.56 7.46 -32.54
CA ILE A 141 -14.94 8.72 -32.94
C ILE A 141 -15.47 9.89 -32.10
N ASP A 142 -14.59 10.64 -31.48
CA ASP A 142 -15.02 11.80 -30.71
C ASP A 142 -15.20 13.06 -31.56
N ALA A 143 -15.61 14.14 -30.91
CA ALA A 143 -15.94 15.40 -31.57
C ALA A 143 -14.75 16.05 -32.24
N LEU A 144 -13.55 15.64 -31.85
CA LEU A 144 -12.34 16.12 -32.49
C LEU A 144 -11.90 15.24 -33.65
N GLY A 145 -12.69 14.22 -33.96
CA GLY A 145 -12.35 13.26 -35.02
C GLY A 145 -11.28 12.27 -34.63
N LEU A 146 -11.07 12.11 -33.33
CA LEU A 146 -10.07 11.18 -32.82
C LEU A 146 -10.72 9.89 -32.32
N ARG A 147 -9.97 8.80 -32.34
CA ARG A 147 -10.32 7.60 -31.57
C ARG A 147 -10.59 8.05 -30.14
N SER A 148 -11.72 7.63 -29.60
CA SER A 148 -12.17 8.04 -28.28
C SER A 148 -11.21 7.67 -27.19
N TYR A 149 -11.11 8.55 -26.19
CA TYR A 149 -10.39 8.25 -24.97
C TYR A 149 -11.11 7.14 -24.21
N ARG A 150 -10.38 6.12 -23.79
CA ARG A 150 -11.01 5.00 -23.11
C ARG A 150 -10.46 4.80 -21.70
N GLY A 151 -9.84 5.84 -21.14
CA GLY A 151 -9.22 5.72 -19.81
C GLY A 151 -7.76 5.36 -19.92
N ASP A 152 -7.00 5.74 -18.90
CA ASP A 152 -5.55 5.61 -18.90
C ASP A 152 -5.00 4.18 -18.97
N MET A 153 -5.82 3.18 -18.65
CA MET A 153 -5.38 1.79 -18.81
C MET A 153 -5.30 1.43 -20.31
N ILE A 154 -5.93 2.24 -21.15
CA ILE A 154 -6.05 1.88 -22.56
C ILE A 154 -5.31 2.84 -23.48
N ASN A 155 -5.58 4.14 -23.34
CA ASN A 155 -4.92 5.18 -24.11
C ASN A 155 -4.83 6.48 -23.32
N GLY A 156 -4.35 7.56 -23.96
CA GLY A 156 -4.18 8.84 -23.28
C GLY A 156 -5.29 9.84 -23.52
N PHE A 157 -5.57 10.66 -22.52
CA PHE A 157 -6.54 11.75 -22.62
C PHE A 157 -6.18 12.80 -23.67
N ALA A 158 -4.88 13.04 -23.87
CA ALA A 158 -4.43 14.11 -24.75
C ALA A 158 -5.05 13.98 -26.14
N PRO A 159 -5.47 15.10 -26.74
CA PRO A 159 -6.16 15.04 -28.03
C PRO A 159 -5.17 14.98 -29.20
N ASP A 160 -4.41 13.90 -29.28
CA ASP A 160 -3.60 13.61 -30.46
C ASP A 160 -3.52 12.11 -30.76
N ALA A 161 -3.39 11.80 -32.04
CA ALA A 161 -3.46 10.44 -32.55
C ALA A 161 -2.53 9.45 -31.84
N ALA A 162 -1.27 9.84 -31.62
CA ALA A 162 -0.32 8.92 -30.98
C ALA A 162 -0.74 8.56 -29.55
N ALA A 163 -1.27 9.55 -28.82
CA ALA A 163 -1.76 9.33 -27.46
C ALA A 163 -2.99 8.41 -27.43
N ARG A 164 -3.79 8.41 -28.49
CA ARG A 164 -5.06 7.67 -28.47
C ARG A 164 -4.92 6.21 -28.90
N GLU A 165 -3.73 5.82 -29.30
CA GLU A 165 -3.48 4.44 -29.65
C GLU A 165 -3.62 3.57 -28.42
N HIS A 166 -4.20 2.39 -28.59
CA HIS A 166 -4.36 1.47 -27.50
C HIS A 166 -3.04 0.80 -27.29
N ASP A 167 -2.50 0.97 -26.09
CA ASP A 167 -1.14 0.52 -25.79
C ASP A 167 -1.11 -0.31 -24.51
N PRO A 168 -0.88 -1.63 -24.65
CA PRO A 168 -1.03 -2.53 -23.50
C PRO A 168 0.04 -2.43 -22.42
N SER A 169 1.11 -1.67 -22.67
CA SER A 169 2.02 -1.25 -21.58
C SER A 169 1.24 -0.47 -20.51
N ARG A 170 0.13 0.15 -20.89
CA ARG A 170 -0.69 0.86 -19.91
C ARG A 170 -1.33 -0.08 -18.88
N LEU A 171 -1.39 -1.38 -19.19
CA LEU A 171 -1.84 -2.36 -18.21
C LEU A 171 -0.88 -2.39 -17.02
N VAL A 172 0.42 -2.37 -17.32
CA VAL A 172 1.43 -2.42 -16.30
C VAL A 172 1.48 -1.09 -15.57
N ARG A 173 1.36 -0.01 -16.33
CA ARG A 173 1.33 1.31 -15.75
C ARG A 173 0.11 1.43 -14.84
N ALA A 174 -1.01 0.83 -15.23
CA ALA A 174 -2.22 0.84 -14.38
C ALA A 174 -1.98 0.14 -13.06
N TYR A 175 -1.37 -1.05 -13.14
CA TYR A 175 -1.06 -1.80 -11.95
C TYR A 175 -0.21 -0.99 -10.97
N ALA A 176 0.88 -0.40 -11.47
CA ALA A 176 1.79 0.38 -10.64
C ALA A 176 1.05 1.51 -9.94
N ASN A 177 0.23 2.24 -10.69
CA ASN A 177 -0.57 3.30 -10.11
C ASN A 177 -1.57 2.80 -9.08
N ALA A 178 -2.19 1.66 -9.37
CA ALA A 178 -3.19 1.08 -8.46
C ALA A 178 -2.58 0.70 -7.13
N SER A 179 -1.45 0.00 -7.18
CA SER A 179 -0.84 -0.44 -5.95
C SER A 179 -0.28 0.74 -5.16
N ALA A 180 0.20 1.77 -5.88
CA ALA A 180 0.73 2.96 -5.21
C ALA A 180 -0.40 3.71 -4.51
N ALA A 181 -1.55 3.80 -5.19
CA ALA A 181 -2.70 4.48 -4.62
C ALA A 181 -3.24 3.70 -3.42
N MET A 182 -3.34 2.39 -3.58
CA MET A 182 -3.85 1.54 -2.52
C MET A 182 -2.94 1.58 -1.31
N ASN A 183 -1.63 1.57 -1.55
CA ASN A 183 -0.68 1.77 -0.48
C ASN A 183 -0.99 3.03 0.34
N LEU A 184 -1.30 4.13 -0.36
CA LEU A 184 -1.61 5.38 0.29
C LEU A 184 -2.95 5.34 1.06
N VAL A 185 -3.97 4.74 0.43
CA VAL A 185 -5.28 4.61 1.07
C VAL A 185 -5.15 3.84 2.39
N ARG A 186 -4.40 2.74 2.39
CA ARG A 186 -4.16 1.97 3.60
C ARG A 186 -3.47 2.82 4.67
N ALA A 187 -2.39 3.51 4.29
CA ALA A 187 -1.67 4.40 5.20
C ALA A 187 -2.61 5.46 5.76
N LEU A 188 -3.45 6.04 4.92
CA LEU A 188 -4.30 7.16 5.34
C LEU A 188 -5.40 6.69 6.31
N THR A 189 -5.93 5.50 6.07
CA THR A 189 -7.07 5.03 6.85
C THR A 189 -6.67 4.53 8.22
N SER A 190 -5.38 4.30 8.46
CA SER A 190 -4.92 4.06 9.81
C SER A 190 -4.07 5.21 10.36
N SER A 191 -4.20 6.38 9.73
CA SER A 191 -3.63 7.63 10.26
C SER A 191 -4.68 8.46 11.02
N GLY A 192 -4.26 9.64 11.47
CA GLY A 192 -5.17 10.59 12.11
C GLY A 192 -6.30 11.05 11.21
N LEU A 193 -6.18 10.78 9.89
CA LEU A 193 -7.20 11.23 8.93
C LEU A 193 -8.53 10.55 9.14
N ALA A 194 -8.51 9.33 9.69
CA ALA A 194 -9.71 8.55 9.80
C ALA A 194 -10.44 8.75 11.13
N SER A 195 -9.79 9.45 12.05
CA SER A 195 -10.36 9.77 13.36
C SER A 195 -11.65 10.59 13.26
N LEU A 196 -12.70 10.11 13.92
CA LEU A 196 -13.99 10.80 13.96
C LEU A 196 -13.89 12.20 14.56
N HIS A 197 -12.84 12.44 15.33
CA HIS A 197 -12.58 13.77 15.88
C HIS A 197 -12.48 14.82 14.77
N LEU A 198 -11.82 14.49 13.65
CA LEU A 198 -11.59 15.45 12.57
C LEU A 198 -12.84 16.04 11.91
N VAL A 199 -13.96 15.36 12.04
CA VAL A 199 -15.26 15.81 11.53
C VAL A 199 -15.72 17.13 12.13
N HIS A 200 -15.41 17.34 13.41
CA HIS A 200 -15.76 18.57 14.13
C HIS A 200 -15.44 19.77 13.24
N ASP A 201 -14.19 19.82 12.78
CA ASP A 201 -13.72 20.93 11.96
C ASP A 201 -14.22 20.85 10.53
N TRP A 202 -14.14 19.66 9.92
CA TRP A 202 -14.54 19.49 8.52
C TRP A 202 -15.98 19.92 8.25
N ASN A 203 -16.92 19.43 9.05
CA ASN A 203 -18.33 19.81 8.93
C ASN A 203 -18.59 21.26 9.30
N ARG A 204 -17.96 21.75 10.36
CA ARG A 204 -18.11 23.14 10.77
C ARG A 204 -17.60 24.09 9.68
N GLU A 205 -16.42 23.78 9.14
CA GLU A 205 -15.85 24.55 8.03
C GLU A 205 -16.83 24.59 6.87
N PHE A 206 -17.41 23.43 6.55
CA PHE A 206 -18.39 23.33 5.49
C PHE A 206 -19.64 24.16 5.79
N VAL A 207 -20.15 24.09 7.01
CA VAL A 207 -21.31 24.86 7.42
C VAL A 207 -21.02 26.38 7.42
N ARG A 208 -19.81 26.75 7.84
CA ARG A 208 -19.42 28.16 7.90
C ARG A 208 -19.26 28.81 6.52
N THR A 209 -18.66 28.08 5.58
CA THR A 209 -18.24 28.66 4.31
C THR A 209 -19.18 28.32 3.15
N SER A 210 -20.31 27.71 3.46
CA SER A 210 -21.27 27.37 2.43
C SER A 210 -22.44 28.35 2.44
N PRO A 211 -22.92 28.76 1.25
CA PRO A 211 -24.27 29.30 1.22
C PRO A 211 -25.16 28.14 1.60
N ALA A 212 -26.35 28.39 2.13
CA ALA A 212 -27.20 27.29 2.62
C ALA A 212 -26.59 26.51 3.80
N GLY A 213 -25.49 27.00 4.35
CA GLY A 213 -24.92 26.45 5.57
C GLY A 213 -25.92 26.48 6.72
N ALA A 214 -26.73 27.53 6.77
CA ALA A 214 -27.83 27.65 7.73
C ALA A 214 -28.81 26.47 7.65
N ARG A 215 -28.98 25.91 6.45
CA ARG A 215 -29.86 24.76 6.25
C ARG A 215 -29.29 23.48 6.89
N TYR A 216 -27.97 23.38 6.95
CA TYR A 216 -27.33 22.15 7.43
C TYR A 216 -26.80 22.26 8.87
N GLU A 217 -26.86 23.45 9.43
CA GLU A 217 -26.29 23.73 10.74
C GLU A 217 -26.86 22.83 11.83
N ALA A 218 -28.18 22.65 11.85
CA ALA A 218 -28.83 21.87 12.90
C ALA A 218 -28.30 20.43 12.93
N LEU A 219 -28.32 19.77 11.78
CA LEU A 219 -27.83 18.39 11.68
C LEU A 219 -26.34 18.30 11.98
N ALA A 220 -25.56 19.27 11.50
CA ALA A 220 -24.13 19.32 11.80
C ALA A 220 -23.87 19.44 13.31
N THR A 221 -24.67 20.25 13.99
CA THR A 221 -24.60 20.43 15.44
C THR A 221 -25.01 19.16 16.20
N GLU A 222 -26.09 18.51 15.75
CA GLU A 222 -26.50 17.20 16.26
C GLU A 222 -25.37 16.17 16.21
N ILE A 223 -24.74 16.05 15.05
CA ILE A 223 -23.64 15.11 14.86
C ILE A 223 -22.50 15.43 15.83
N ASP A 224 -22.14 16.71 15.91
CA ASP A 224 -21.12 17.20 16.83
C ASP A 224 -21.44 16.79 18.28
N ARG A 225 -22.69 16.99 18.68
CA ARG A 225 -23.11 16.62 20.02
C ARG A 225 -23.14 15.11 20.21
N GLY A 226 -23.43 14.38 19.14
CA GLY A 226 -23.34 12.93 19.16
C GLY A 226 -21.92 12.47 19.45
N LEU A 227 -20.96 13.09 18.78
CA LEU A 227 -19.55 12.73 18.92
C LEU A 227 -19.03 13.09 20.32
N ARG A 228 -19.38 14.28 20.78
CA ARG A 228 -19.00 14.73 22.11
C ARG A 228 -19.62 13.85 23.19
N PHE A 229 -20.83 13.34 22.94
CA PHE A 229 -21.49 12.43 23.85
C PHE A 229 -20.72 11.12 23.97
N MET A 230 -20.29 10.56 22.84
CA MET A 230 -19.56 9.29 22.93
C MET A 230 -18.17 9.46 23.54
N SER A 231 -17.54 10.59 23.25
CA SER A 231 -16.29 10.94 23.92
C SER A 231 -16.52 11.07 25.42
N ALA A 232 -17.65 11.66 25.81
CA ALA A 232 -18.02 11.83 27.23
C ALA A 232 -18.35 10.52 27.96
N CYS A 233 -18.68 9.48 27.20
CA CYS A 233 -18.96 8.18 27.79
C CYS A 233 -17.71 7.32 27.89
N GLY A 234 -16.55 7.92 27.57
CA GLY A 234 -15.26 7.26 27.67
C GLY A 234 -14.77 6.55 26.41
N VAL A 235 -15.41 6.80 25.28
CA VAL A 235 -14.97 6.22 24.02
C VAL A 235 -13.88 7.10 23.38
N ALA A 236 -12.66 6.57 23.34
CA ALA A 236 -11.54 7.26 22.68
C ALA A 236 -11.23 6.61 21.33
N ASP A 237 -10.40 7.26 20.51
CA ASP A 237 -10.06 6.72 19.18
C ASP A 237 -9.64 5.24 19.19
N ARG A 238 -8.75 4.88 20.10
CA ARG A 238 -8.29 3.50 20.25
C ARG A 238 -9.31 2.52 20.86
N ASN A 239 -10.54 3.00 21.10
CA ASN A 239 -11.65 2.14 21.49
C ASN A 239 -12.48 1.68 20.29
N LEU A 240 -12.18 2.25 19.13
CA LEU A 240 -12.94 1.99 17.91
C LEU A 240 -12.12 1.16 16.93
N GLN A 241 -12.82 0.40 16.08
CA GLN A 241 -12.17 -0.34 14.99
C GLN A 241 -11.52 0.63 14.00
N THR A 242 -10.40 0.21 13.41
CA THR A 242 -9.70 0.99 12.39
C THR A 242 -10.62 1.22 11.20
N ALA A 243 -10.58 2.41 10.63
CA ALA A 243 -11.38 2.76 9.45
C ALA A 243 -11.02 1.90 8.25
N GLU A 244 -12.04 1.42 7.56
CA GLU A 244 -11.84 0.55 6.42
C GLU A 244 -12.44 1.22 5.20
N ILE A 245 -11.59 1.46 4.21
CA ILE A 245 -12.02 1.92 2.91
C ILE A 245 -11.57 0.90 1.88
N TYR A 246 -12.55 0.36 1.17
CA TYR A 246 -12.35 -0.66 0.16
C TYR A 246 -12.16 -0.03 -1.22
N ALA A 247 -11.57 -0.79 -2.11
CA ALA A 247 -11.24 -0.34 -3.45
C ALA A 247 -12.21 -1.01 -4.42
N SER A 248 -12.70 -0.26 -5.39
CA SER A 248 -13.54 -0.82 -6.44
C SER A 248 -13.31 -0.11 -7.75
N HIS A 249 -13.68 -0.77 -8.84
CA HIS A 249 -13.69 -0.14 -10.15
C HIS A 249 -14.58 -0.96 -11.04
N GLU A 250 -14.90 -0.43 -12.22
CA GLU A 250 -15.60 -1.22 -13.22
C GLU A 250 -14.63 -2.25 -13.79
N ALA A 251 -15.01 -3.52 -13.76
CA ALA A 251 -14.25 -4.59 -14.39
C ALA A 251 -14.56 -4.54 -15.88
N LEU A 252 -13.69 -3.86 -16.63
CA LEU A 252 -13.95 -3.63 -18.04
C LEU A 252 -12.91 -4.34 -18.91
N VAL A 253 -11.64 -4.10 -18.61
CA VAL A 253 -10.56 -4.64 -19.42
C VAL A 253 -10.22 -6.02 -18.91
N LEU A 254 -10.70 -7.02 -19.63
CA LEU A 254 -10.58 -8.39 -19.16
C LEU A 254 -9.13 -8.88 -19.14
N ASP A 255 -8.26 -8.31 -19.98
CA ASP A 255 -6.83 -8.60 -19.89
C ASP A 255 -6.24 -8.23 -18.54
N TYR A 256 -6.73 -7.15 -17.94
CA TYR A 256 -6.23 -6.72 -16.64
C TYR A 256 -6.79 -7.62 -15.55
N GLU A 257 -8.12 -7.72 -15.52
CA GLU A 257 -8.81 -8.48 -14.48
C GLU A 257 -8.35 -9.93 -14.46
N ARG A 258 -8.23 -10.55 -15.63
CA ARG A 258 -7.81 -11.95 -15.60
C ARG A 258 -6.36 -12.12 -15.15
N ALA A 259 -5.49 -11.16 -15.47
CA ALA A 259 -4.10 -11.25 -15.07
C ALA A 259 -3.99 -11.08 -13.56
N MET A 260 -4.97 -10.39 -12.97
CA MET A 260 -4.98 -10.12 -11.54
C MET A 260 -5.71 -11.19 -10.69
N LEU A 261 -6.16 -12.28 -11.32
CA LEU A 261 -6.72 -13.41 -10.58
C LEU A 261 -5.69 -14.17 -9.75
N ARG A 262 -6.11 -14.53 -8.54
CA ARG A 262 -5.28 -15.33 -7.63
C ARG A 262 -6.12 -16.37 -6.90
N LEU A 263 -5.43 -17.41 -6.46
CA LEU A 263 -6.02 -18.50 -5.70
C LEU A 263 -5.88 -18.21 -4.21
N SER A 264 -6.91 -18.48 -3.43
CA SER A 264 -6.82 -18.30 -1.98
C SER A 264 -6.05 -19.43 -1.27
N ASP A 265 -5.71 -19.18 0.00
CA ASP A 265 -5.00 -20.10 0.89
C ASP A 265 -5.62 -21.48 1.07
N GLY A 266 -6.95 -21.53 1.12
CA GLY A 266 -7.65 -22.74 1.52
C GLY A 266 -7.54 -22.92 3.02
N ASP A 267 -7.00 -21.90 3.68
CA ASP A 267 -6.94 -21.83 5.14
C ASP A 267 -8.26 -21.25 5.67
N ASP A 268 -8.96 -20.52 4.80
CA ASP A 268 -10.34 -20.08 5.04
C ASP A 268 -11.31 -21.26 5.00
N GLY A 269 -11.32 -21.98 3.87
CA GLY A 269 -12.14 -23.19 3.73
C GLY A 269 -12.46 -23.59 2.29
N GLU A 270 -11.39 -23.82 1.52
CA GLU A 270 -11.44 -24.13 0.08
C GLU A 270 -10.94 -22.97 -0.79
N PRO A 271 -9.91 -23.25 -1.63
CA PRO A 271 -9.40 -22.27 -2.59
C PRO A 271 -10.34 -22.01 -3.77
N GLN A 272 -10.47 -20.74 -4.14
CA GLN A 272 -11.26 -20.27 -5.28
C GLN A 272 -10.58 -19.06 -5.91
N LEU A 273 -11.05 -18.64 -7.09
CA LEU A 273 -10.50 -17.46 -7.74
C LEU A 273 -11.04 -16.17 -7.16
N PHE A 274 -10.11 -15.31 -6.73
CA PHE A 274 -10.40 -13.92 -6.38
C PHE A 274 -9.72 -13.01 -7.39
N ASP A 275 -10.41 -11.95 -7.78
CA ASP A 275 -9.77 -10.89 -8.53
C ASP A 275 -9.11 -9.98 -7.49
N LEU A 276 -7.78 -9.98 -7.44
CA LEU A 276 -7.05 -9.21 -6.45
C LEU A 276 -6.57 -7.83 -6.95
N SER A 277 -7.22 -7.33 -8.00
CA SER A 277 -7.00 -5.95 -8.45
C SER A 277 -7.87 -4.98 -7.68
N ALA A 278 -8.80 -5.50 -6.87
CA ALA A 278 -9.72 -4.68 -6.10
C ALA A 278 -10.45 -5.58 -5.07
N HIS A 279 -11.27 -4.96 -4.23
CA HIS A 279 -12.08 -5.71 -3.28
C HIS A 279 -13.41 -6.08 -3.91
N THR A 280 -14.05 -5.11 -4.55
CA THR A 280 -15.26 -5.40 -5.29
C THR A 280 -15.18 -4.74 -6.65
N VAL A 281 -15.90 -5.29 -7.63
CA VAL A 281 -15.95 -4.64 -8.95
C VAL A 281 -17.39 -4.71 -9.48
N TRP A 282 -17.71 -3.89 -10.47
CA TRP A 282 -19.04 -3.92 -11.03
C TRP A 282 -18.96 -4.04 -12.54
N ILE A 283 -20.09 -4.38 -13.16
CA ILE A 283 -20.16 -4.51 -14.60
C ILE A 283 -21.07 -3.40 -15.11
N GLY A 284 -20.59 -2.68 -16.10
CA GLY A 284 -21.25 -1.46 -16.55
C GLY A 284 -22.45 -1.75 -17.42
N GLU A 285 -23.22 -0.70 -17.65
CA GLU A 285 -24.42 -0.77 -18.45
C GLU A 285 -24.14 -1.29 -19.87
N ARG A 286 -22.95 -1.00 -20.41
CA ARG A 286 -22.62 -1.34 -21.81
C ARG A 286 -21.98 -2.72 -22.00
N THR A 287 -21.71 -3.42 -20.89
CA THR A 287 -20.98 -4.68 -20.93
C THR A 287 -21.66 -5.78 -20.14
N ARG A 288 -22.90 -5.55 -19.73
CA ARG A 288 -23.66 -6.52 -18.96
C ARG A 288 -24.51 -7.50 -19.80
N GLN A 289 -24.09 -7.78 -21.03
CA GLN A 289 -24.75 -8.81 -21.86
C GLN A 289 -24.81 -10.13 -21.08
N ILE A 290 -26.01 -10.64 -20.91
CA ILE A 290 -26.24 -11.83 -20.08
C ILE A 290 -25.36 -13.02 -20.49
N ASP A 291 -25.09 -13.12 -21.78
CA ASP A 291 -24.25 -14.19 -22.30
C ASP A 291 -22.85 -13.72 -22.73
N GLY A 292 -22.47 -12.52 -22.28
CA GLY A 292 -21.14 -11.97 -22.55
C GLY A 292 -20.07 -12.38 -21.55
N ALA A 293 -18.83 -12.04 -21.87
CA ALA A 293 -17.68 -12.42 -21.06
C ALA A 293 -17.61 -11.72 -19.71
N HIS A 294 -18.13 -10.50 -19.62
CA HIS A 294 -18.07 -9.75 -18.35
C HIS A 294 -18.91 -10.40 -17.25
N ILE A 295 -20.15 -10.73 -17.58
CA ILE A 295 -21.03 -11.42 -16.64
C ILE A 295 -20.46 -12.80 -16.30
N ALA A 296 -19.93 -13.50 -17.30
CA ALA A 296 -19.36 -14.83 -17.06
C ALA A 296 -18.09 -14.77 -16.19
N PHE A 297 -17.28 -13.73 -16.40
CA PHE A 297 -16.11 -13.49 -15.55
C PHE A 297 -16.55 -13.27 -14.09
N ALA A 298 -17.57 -12.43 -13.89
CA ALA A 298 -18.10 -12.18 -12.55
C ALA A 298 -18.64 -13.44 -11.88
N GLN A 299 -19.13 -14.40 -12.67
CA GLN A 299 -19.62 -15.67 -12.12
C GLN A 299 -18.50 -16.47 -11.49
N VAL A 300 -17.31 -16.33 -12.05
CA VAL A 300 -16.20 -17.20 -11.71
C VAL A 300 -15.38 -16.65 -10.54
N ILE A 301 -15.48 -15.35 -10.27
CA ILE A 301 -14.69 -14.77 -9.18
C ILE A 301 -15.47 -14.77 -7.87
N ALA A 302 -14.75 -14.81 -6.75
CA ALA A 302 -15.39 -14.84 -5.45
C ALA A 302 -15.74 -13.44 -4.88
N ASN A 303 -15.22 -12.36 -5.48
CA ASN A 303 -15.47 -11.00 -4.98
C ASN A 303 -16.97 -10.66 -4.94
N PRO A 304 -17.40 -9.79 -4.00
CA PRO A 304 -18.73 -9.22 -4.24
C PRO A 304 -18.74 -8.44 -5.56
N VAL A 305 -19.83 -8.52 -6.30
CA VAL A 305 -19.95 -7.82 -7.59
C VAL A 305 -21.23 -6.99 -7.68
N GLY A 306 -21.21 -5.98 -8.55
CA GLY A 306 -22.40 -5.21 -8.86
C GLY A 306 -22.62 -5.17 -10.37
N VAL A 307 -23.88 -4.93 -10.74
CA VAL A 307 -24.29 -4.74 -12.11
C VAL A 307 -25.07 -3.43 -12.17
N LYS A 308 -24.70 -2.55 -13.11
CA LYS A 308 -25.42 -1.29 -13.31
C LYS A 308 -26.70 -1.58 -14.07
N LEU A 309 -27.81 -1.03 -13.60
CA LEU A 309 -29.12 -1.25 -14.22
C LEU A 309 -29.71 0.07 -14.73
N GLY A 310 -29.76 0.21 -16.05
CA GLY A 310 -30.30 1.41 -16.67
C GLY A 310 -31.80 1.33 -16.93
N PRO A 311 -32.36 2.37 -17.59
CA PRO A 311 -33.80 2.45 -17.86
C PRO A 311 -34.36 1.43 -18.84
N ASN A 312 -33.51 0.75 -19.62
CA ASN A 312 -33.98 -0.33 -20.50
C ASN A 312 -34.21 -1.64 -19.75
N MET A 313 -33.86 -1.68 -18.48
CA MET A 313 -33.92 -2.91 -17.71
C MET A 313 -35.34 -3.44 -17.57
N THR A 314 -35.47 -4.76 -17.69
CA THR A 314 -36.73 -5.44 -17.40
C THR A 314 -36.61 -6.21 -16.09
N PRO A 315 -37.74 -6.43 -15.39
CA PRO A 315 -37.70 -7.28 -14.21
C PRO A 315 -37.16 -8.69 -14.48
N GLU A 316 -37.42 -9.22 -15.67
CA GLU A 316 -36.98 -10.57 -16.03
C GLU A 316 -35.48 -10.67 -16.25
N LEU A 317 -34.89 -9.66 -16.90
CA LEU A 317 -33.44 -9.68 -17.08
C LEU A 317 -32.72 -9.51 -15.72
N ALA A 318 -33.34 -8.72 -14.82
CA ALA A 318 -32.79 -8.51 -13.48
C ALA A 318 -32.72 -9.81 -12.67
N VAL A 319 -33.77 -10.61 -12.77
CA VAL A 319 -33.83 -11.93 -12.16
C VAL A 319 -32.75 -12.87 -12.74
N GLU A 320 -32.54 -12.82 -14.05
CA GLU A 320 -31.46 -13.58 -14.69
C GLU A 320 -30.07 -13.22 -14.12
N TYR A 321 -29.82 -11.94 -13.83
CA TYR A 321 -28.57 -11.53 -13.18
C TYR A 321 -28.42 -12.19 -11.82
N VAL A 322 -29.49 -12.17 -11.04
CA VAL A 322 -29.54 -12.79 -9.73
C VAL A 322 -29.21 -14.29 -9.80
N GLU A 323 -29.80 -14.97 -10.78
CA GLU A 323 -29.55 -16.40 -10.97
C GLU A 323 -28.12 -16.71 -11.41
N ARG A 324 -27.56 -15.94 -12.36
CA ARG A 324 -26.18 -16.16 -12.80
C ARG A 324 -25.19 -15.80 -11.70
N LEU A 325 -25.42 -14.66 -11.04
CA LEU A 325 -24.42 -14.04 -10.16
C LEU A 325 -24.53 -14.37 -8.67
N ASP A 326 -25.70 -14.87 -8.24
CA ASP A 326 -25.90 -15.28 -6.86
C ASP A 326 -26.51 -16.70 -6.79
N PRO A 327 -25.89 -17.66 -7.49
CA PRO A 327 -26.45 -19.00 -7.59
C PRO A 327 -26.55 -19.67 -6.23
N HIS A 328 -25.67 -19.30 -5.31
CA HIS A 328 -25.66 -19.90 -3.98
C HIS A 328 -26.43 -19.12 -2.92
N ASN A 329 -27.22 -18.13 -3.33
CA ASN A 329 -28.03 -17.34 -2.39
C ASN A 329 -27.20 -16.82 -1.18
N LYS A 330 -26.16 -16.04 -1.48
CA LYS A 330 -25.32 -15.46 -0.45
C LYS A 330 -25.60 -13.98 -0.34
N PRO A 331 -26.22 -13.55 0.76
CA PRO A 331 -26.66 -12.16 0.83
C PRO A 331 -25.49 -11.19 0.67
N GLY A 332 -25.70 -10.17 -0.17
CA GLY A 332 -24.67 -9.16 -0.41
C GLY A 332 -23.60 -9.52 -1.43
N ARG A 333 -23.66 -10.74 -1.95
CA ARG A 333 -22.75 -11.12 -3.02
C ARG A 333 -23.04 -10.26 -4.28
N LEU A 334 -24.32 -9.96 -4.51
CA LEU A 334 -24.71 -9.17 -5.66
C LEU A 334 -25.35 -7.83 -5.27
N THR A 335 -24.84 -6.76 -5.88
CA THR A 335 -25.46 -5.43 -5.79
C THR A 335 -26.08 -5.05 -7.13
N LEU A 336 -27.35 -4.67 -7.11
CA LEU A 336 -28.00 -4.15 -8.31
C LEU A 336 -28.00 -2.64 -8.20
N VAL A 337 -27.35 -1.97 -9.15
CA VAL A 337 -27.12 -0.54 -9.07
C VAL A 337 -28.05 0.19 -10.03
N SER A 338 -29.02 0.88 -9.44
CA SER A 338 -30.06 1.58 -10.16
C SER A 338 -29.52 2.91 -10.68
N ARG A 339 -29.57 3.13 -12.00
CA ARG A 339 -29.28 4.45 -12.55
C ARG A 339 -30.27 4.75 -13.66
N MET A 340 -31.40 5.33 -13.25
CA MET A 340 -32.55 5.39 -14.13
C MET A 340 -32.82 6.77 -14.68
N GLY A 341 -32.31 7.80 -14.02
CA GLY A 341 -32.77 9.18 -14.27
C GLY A 341 -33.85 9.53 -13.26
N ASN A 342 -33.82 10.76 -12.74
CA ASN A 342 -34.73 11.14 -11.67
C ASN A 342 -36.22 11.13 -12.08
N HIS A 343 -36.48 11.36 -13.37
N HIS A 343 -36.50 11.37 -13.36
CA HIS A 343 -37.84 11.35 -13.92
CA HIS A 343 -37.88 11.36 -13.87
C HIS A 343 -38.38 9.94 -14.13
C HIS A 343 -38.38 9.94 -14.19
N LYS A 344 -37.50 8.95 -14.07
CA LYS A 344 -37.88 7.57 -14.41
C LYS A 344 -37.83 6.56 -13.27
N VAL A 345 -37.07 6.86 -12.22
CA VAL A 345 -36.84 5.91 -11.13
C VAL A 345 -38.12 5.45 -10.41
N ARG A 346 -39.04 6.39 -10.14
CA ARG A 346 -40.28 6.09 -9.43
C ARG A 346 -41.19 5.14 -10.25
N ASP A 347 -41.07 5.21 -11.57
CA ASP A 347 -41.84 4.35 -12.45
C ASP A 347 -41.15 3.01 -12.72
N LEU A 348 -39.86 3.03 -13.01
CA LEU A 348 -39.19 1.85 -13.56
C LEU A 348 -38.63 0.89 -12.52
N LEU A 349 -38.26 1.41 -11.35
CA LEU A 349 -37.61 0.60 -10.33
C LEU A 349 -38.54 -0.39 -9.58
N PRO A 350 -39.76 0.04 -9.19
CA PRO A 350 -40.60 -0.89 -8.40
C PRO A 350 -40.89 -2.26 -9.05
N PRO A 351 -41.19 -2.32 -10.36
CA PRO A 351 -41.38 -3.68 -10.90
C PRO A 351 -40.11 -4.55 -10.81
N ILE A 352 -38.95 -3.94 -10.99
CA ILE A 352 -37.68 -4.66 -10.91
C ILE A 352 -37.47 -5.23 -9.51
N VAL A 353 -37.61 -4.36 -8.51
CA VAL A 353 -37.45 -4.74 -7.10
C VAL A 353 -38.41 -5.87 -6.71
N GLU A 354 -39.70 -5.69 -7.02
CA GLU A 354 -40.71 -6.69 -6.72
C GLU A 354 -40.31 -8.07 -7.24
N LYS A 355 -39.94 -8.13 -8.51
CA LYS A 355 -39.63 -9.40 -9.14
C LYS A 355 -38.38 -10.05 -8.54
N VAL A 356 -37.35 -9.24 -8.28
CA VAL A 356 -36.12 -9.74 -7.66
C VAL A 356 -36.33 -10.15 -6.20
N GLN A 357 -37.11 -9.38 -5.44
CA GLN A 357 -37.40 -9.77 -4.06
C GLN A 357 -38.07 -11.14 -3.99
N ALA A 358 -38.90 -11.45 -4.99
CA ALA A 358 -39.68 -12.70 -5.00
C ALA A 358 -38.85 -13.95 -5.28
N THR A 359 -37.60 -13.75 -5.71
CA THR A 359 -36.68 -14.88 -5.95
C THR A 359 -36.22 -15.54 -4.65
N GLY A 360 -36.35 -14.83 -3.54
CA GLY A 360 -35.80 -15.29 -2.27
C GLY A 360 -34.34 -14.90 -2.05
N HIS A 361 -33.72 -14.27 -3.06
CA HIS A 361 -32.34 -13.81 -2.90
C HIS A 361 -32.27 -12.44 -2.23
N GLN A 362 -31.17 -12.18 -1.55
CA GLN A 362 -31.00 -10.89 -0.89
C GLN A 362 -29.88 -10.12 -1.54
N VAL A 363 -30.25 -9.27 -2.50
CA VAL A 363 -29.30 -8.37 -3.16
C VAL A 363 -29.22 -7.07 -2.39
N ILE A 364 -28.18 -6.30 -2.65
CA ILE A 364 -28.13 -4.92 -2.19
C ILE A 364 -28.70 -4.04 -3.30
N TRP A 365 -29.68 -3.20 -2.93
CA TRP A 365 -30.22 -2.20 -3.83
C TRP A 365 -29.43 -0.91 -3.64
N GLN A 366 -28.71 -0.51 -4.68
CA GLN A 366 -27.86 0.67 -4.59
C GLN A 366 -28.31 1.66 -5.63
N CYS A 367 -28.34 2.94 -5.23
CA CYS A 367 -28.76 4.00 -6.13
C CYS A 367 -27.56 4.72 -6.72
N ASP A 368 -27.47 4.72 -8.05
CA ASP A 368 -26.51 5.57 -8.76
C ASP A 368 -27.32 6.74 -9.32
N PRO A 369 -27.35 7.88 -8.61
CA PRO A 369 -28.19 9.00 -9.05
C PRO A 369 -27.52 9.84 -10.11
N MET A 370 -26.41 9.36 -10.66
CA MET A 370 -25.63 10.20 -11.56
C MET A 370 -25.63 9.84 -13.04
N HIS A 371 -25.47 8.56 -13.37
CA HIS A 371 -25.25 8.19 -14.76
C HIS A 371 -26.50 8.29 -15.63
N GLY A 372 -27.67 8.37 -15.00
CA GLY A 372 -28.92 8.56 -15.72
C GLY A 372 -29.34 10.02 -15.83
N ASN A 373 -28.54 10.92 -15.26
CA ASN A 373 -28.90 12.34 -15.22
C ASN A 373 -27.88 13.28 -15.87
N THR A 374 -27.27 12.82 -16.95
CA THR A 374 -26.27 13.63 -17.63
C THR A 374 -26.84 14.35 -18.88
N HIS A 375 -26.38 15.57 -19.11
CA HIS A 375 -26.69 16.31 -20.35
C HIS A 375 -25.52 17.20 -20.75
N GLU A 376 -25.53 17.68 -21.99
CA GLU A 376 -24.52 18.61 -22.48
C GLU A 376 -25.00 20.04 -22.29
N SER A 377 -24.19 20.87 -21.63
CA SER A 377 -24.50 22.27 -21.45
C SER A 377 -24.45 23.02 -22.78
N SER A 378 -25.08 24.20 -22.82
CA SER A 378 -25.06 25.05 -24.02
C SER A 378 -23.64 25.50 -24.36
N THR A 379 -22.80 25.58 -23.33
CA THR A 379 -21.38 25.88 -23.49
C THR A 379 -20.56 24.63 -23.82
N GLY A 380 -21.23 23.50 -24.04
CA GLY A 380 -20.58 22.29 -24.54
C GLY A 380 -19.91 21.35 -23.54
N PHE A 381 -20.21 21.52 -22.25
CA PHE A 381 -19.67 20.61 -21.23
C PHE A 381 -20.67 19.51 -20.90
N LYS A 382 -20.17 18.29 -20.79
CA LYS A 382 -20.93 17.19 -20.21
C LYS A 382 -21.16 17.50 -18.73
N THR A 383 -22.41 17.63 -18.33
CA THR A 383 -22.73 18.06 -16.98
C THR A 383 -23.97 17.37 -16.39
N ARG A 384 -24.27 17.68 -15.14
CA ARG A 384 -25.37 17.09 -14.39
C ARG A 384 -25.92 18.17 -13.48
N HIS A 385 -27.24 18.22 -13.33
N HIS A 385 -27.26 18.22 -13.35
CA HIS A 385 -27.80 19.15 -12.34
CA HIS A 385 -27.91 19.09 -12.37
C HIS A 385 -27.96 18.48 -10.99
C HIS A 385 -27.87 18.40 -11.00
N PHE A 386 -27.37 19.11 -9.98
CA PHE A 386 -27.40 18.65 -8.61
C PHE A 386 -28.81 18.23 -8.16
N ASP A 387 -29.80 19.06 -8.50
CA ASP A 387 -31.19 18.84 -8.10
C ASP A 387 -31.74 17.53 -8.64
N ARG A 388 -31.37 17.18 -9.86
CA ARG A 388 -31.80 15.93 -10.48
C ARG A 388 -31.13 14.73 -9.81
N ILE A 389 -29.87 14.90 -9.42
CA ILE A 389 -29.13 13.89 -8.68
C ILE A 389 -29.85 13.61 -7.35
N VAL A 390 -30.13 14.68 -6.61
CA VAL A 390 -30.80 14.60 -5.32
C VAL A 390 -32.16 13.94 -5.49
N ASP A 391 -32.92 14.41 -6.47
CA ASP A 391 -34.25 13.89 -6.71
C ASP A 391 -34.31 12.41 -7.07
N GLU A 392 -33.29 11.88 -7.75
CA GLU A 392 -33.25 10.45 -8.02
C GLU A 392 -33.07 9.62 -6.75
N VAL A 393 -32.19 10.06 -5.85
CA VAL A 393 -32.00 9.37 -4.57
C VAL A 393 -33.33 9.39 -3.79
N GLN A 394 -33.94 10.58 -3.74
CA GLN A 394 -35.27 10.77 -3.16
C GLN A 394 -36.27 9.74 -3.71
N GLY A 395 -36.37 9.65 -5.03
CA GLY A 395 -37.25 8.69 -5.68
C GLY A 395 -36.91 7.25 -5.32
N PHE A 396 -35.62 6.93 -5.36
CA PHE A 396 -35.09 5.65 -4.93
C PHE A 396 -35.59 5.30 -3.52
N PHE A 397 -35.44 6.24 -2.59
CA PHE A 397 -35.97 6.05 -1.23
C PHE A 397 -37.47 5.79 -1.19
N GLU A 398 -38.25 6.55 -1.98
CA GLU A 398 -39.70 6.36 -2.02
C GLU A 398 -40.10 4.98 -2.52
N VAL A 399 -39.43 4.51 -3.58
CA VAL A 399 -39.67 3.17 -4.10
C VAL A 399 -39.50 2.10 -3.03
N HIS A 400 -38.39 2.16 -2.28
CA HIS A 400 -38.12 1.17 -1.25
C HIS A 400 -39.05 1.29 -0.04
N ARG A 401 -39.30 2.52 0.39
CA ARG A 401 -40.20 2.75 1.52
C ARG A 401 -41.62 2.23 1.23
N ALA A 402 -42.08 2.42 0.00
CA ALA A 402 -43.38 1.90 -0.43
C ALA A 402 -43.43 0.37 -0.49
N LEU A 403 -42.29 -0.27 -0.72
CA LEU A 403 -42.22 -1.73 -0.88
C LEU A 403 -41.81 -2.46 0.39
N GLY A 404 -41.29 -1.73 1.38
CA GLY A 404 -40.77 -2.33 2.60
C GLY A 404 -39.40 -2.95 2.43
N THR A 405 -38.74 -2.63 1.32
CA THR A 405 -37.38 -3.09 1.06
C THR A 405 -36.34 -2.08 1.51
N HIS A 406 -35.08 -2.49 1.46
CA HIS A 406 -33.98 -1.69 1.99
C HIS A 406 -33.33 -0.84 0.92
N PRO A 407 -33.45 0.50 1.05
CA PRO A 407 -32.59 1.33 0.22
C PRO A 407 -31.17 1.15 0.74
N GLY A 408 -30.33 0.41 0.00
CA GLY A 408 -29.09 -0.15 0.56
C GLY A 408 -27.87 0.74 0.51
N GLY A 409 -27.87 1.70 -0.40
CA GLY A 409 -26.71 2.58 -0.53
C GLY A 409 -26.73 3.51 -1.70
N ILE A 410 -25.65 4.28 -1.86
CA ILE A 410 -25.49 5.14 -3.04
C ILE A 410 -24.13 4.92 -3.70
N HIS A 411 -24.07 5.23 -4.99
CA HIS A 411 -22.86 5.08 -5.80
C HIS A 411 -22.74 6.44 -6.49
N VAL A 412 -21.74 7.25 -6.11
CA VAL A 412 -21.69 8.62 -6.62
C VAL A 412 -20.30 8.90 -7.17
N GLU A 413 -20.20 9.83 -8.12
CA GLU A 413 -18.91 10.26 -8.64
C GLU A 413 -18.59 11.60 -7.99
N ILE A 414 -17.51 11.64 -7.21
CA ILE A 414 -17.21 12.79 -6.36
C ILE A 414 -15.71 13.03 -6.42
N THR A 415 -15.30 14.21 -5.99
CA THR A 415 -13.88 14.48 -5.77
C THR A 415 -13.75 15.49 -4.63
N GLY A 416 -12.61 15.43 -3.93
CA GLY A 416 -12.31 16.36 -2.86
C GLY A 416 -11.72 17.69 -3.28
N GLU A 417 -11.77 18.03 -4.58
CA GLU A 417 -11.37 19.38 -5.03
C GLU A 417 -12.58 20.26 -5.33
N ASN A 418 -12.33 21.56 -5.36
CA ASN A 418 -13.37 22.54 -5.66
C ASN A 418 -13.57 22.70 -7.17
N VAL A 419 -13.95 21.59 -7.83
CA VAL A 419 -14.17 21.60 -9.27
C VAL A 419 -15.51 22.22 -9.65
N THR A 420 -15.68 22.54 -10.92
CA THR A 420 -16.92 23.08 -11.44
C THR A 420 -17.42 22.16 -12.53
N GLU A 421 -18.02 21.05 -12.15
CA GLU A 421 -18.37 20.02 -13.13
C GLU A 421 -19.87 19.76 -13.17
N CYS A 422 -20.50 19.76 -12.00
CA CYS A 422 -21.95 19.60 -11.89
C CYS A 422 -22.61 20.95 -11.61
N LEU A 423 -23.76 21.20 -12.22
CA LEU A 423 -24.50 22.43 -12.04
C LEU A 423 -25.23 22.42 -10.70
N GLY A 424 -25.41 23.61 -10.13
CA GLY A 424 -26.25 23.79 -8.96
C GLY A 424 -25.52 23.55 -7.66
N GLY A 425 -26.25 22.98 -6.71
CA GLY A 425 -25.79 22.92 -5.33
C GLY A 425 -25.84 24.30 -4.69
N ALA A 426 -25.44 24.37 -3.43
CA ALA A 426 -25.47 25.63 -2.67
C ALA A 426 -24.63 26.73 -3.30
N GLN A 427 -23.55 26.34 -3.99
CA GLN A 427 -22.70 27.31 -4.69
C GLN A 427 -23.36 27.85 -5.94
N ASP A 428 -24.50 27.24 -6.31
CA ASP A 428 -25.23 27.54 -7.54
C ASP A 428 -24.29 27.62 -8.76
N ILE A 429 -23.63 26.51 -9.06
CA ILE A 429 -22.72 26.47 -10.19
C ILE A 429 -23.53 26.60 -11.49
N SER A 430 -23.18 27.61 -12.28
CA SER A 430 -23.89 27.91 -13.52
C SER A 430 -23.17 27.34 -14.74
N GLU A 431 -23.83 27.41 -15.89
CA GLU A 431 -23.27 26.96 -17.16
C GLU A 431 -21.95 27.65 -17.52
N THR A 432 -21.85 28.95 -17.19
CA THR A 432 -20.62 29.71 -17.44
C THR A 432 -19.51 29.38 -16.42
N ASP A 433 -19.89 28.96 -15.22
CA ASP A 433 -18.92 28.58 -14.19
C ASP A 433 -18.17 27.30 -14.55
N LEU A 434 -18.74 26.45 -15.37
CA LEU A 434 -18.21 25.16 -15.68
C LEU A 434 -16.83 25.25 -16.23
N ALA A 435 -16.58 26.29 -17.00
CA ALA A 435 -15.31 26.52 -17.61
C ALA A 435 -14.13 26.77 -16.69
N GLY A 436 -14.35 27.25 -15.50
CA GLY A 436 -13.24 27.53 -14.63
C GLY A 436 -12.39 26.40 -14.15
N ARG A 437 -13.02 25.32 -13.74
CA ARG A 437 -12.33 24.14 -13.27
C ARG A 437 -13.02 22.84 -13.69
N TYR A 438 -13.11 22.57 -14.97
CA TYR A 438 -13.70 21.32 -15.37
C TYR A 438 -12.52 20.39 -15.55
N GLU A 439 -12.29 19.56 -14.59
CA GLU A 439 -11.04 18.79 -14.56
C GLU A 439 -11.20 17.30 -14.85
N THR A 440 -12.43 16.81 -14.79
CA THR A 440 -12.69 15.38 -15.05
C THR A 440 -12.18 14.92 -16.42
N ALA A 441 -11.65 13.71 -16.48
CA ALA A 441 -11.30 13.09 -17.75
C ALA A 441 -12.47 12.33 -18.36
N CYS A 442 -13.63 12.39 -17.72
CA CYS A 442 -14.84 11.78 -18.27
C CYS A 442 -16.12 12.42 -17.72
N ASP A 443 -16.85 11.74 -16.84
CA ASP A 443 -18.10 12.31 -16.32
C ASP A 443 -17.87 13.43 -15.30
N PRO A 444 -18.80 14.40 -15.25
CA PRO A 444 -18.73 15.43 -14.20
C PRO A 444 -18.94 14.86 -12.79
N ARG A 445 -18.07 15.26 -11.86
CA ARG A 445 -18.14 14.81 -10.46
C ARG A 445 -18.76 15.88 -9.57
N LEU A 446 -19.42 15.46 -8.49
CA LEU A 446 -19.75 16.39 -7.43
C LEU A 446 -18.46 16.90 -6.82
N ASN A 447 -18.37 18.21 -6.60
CA ASN A 447 -17.17 18.73 -5.96
C ASN A 447 -17.23 18.45 -4.47
N THR A 448 -16.24 18.93 -3.73
CA THR A 448 -16.14 18.63 -2.32
C THR A 448 -17.38 19.12 -1.55
N GLN A 449 -17.85 20.35 -1.83
CA GLN A 449 -19.04 20.88 -1.17
C GLN A 449 -20.33 20.21 -1.60
N GLN A 450 -20.48 19.97 -2.90
CA GLN A 450 -21.69 19.35 -3.41
C GLN A 450 -21.89 17.94 -2.86
N SER A 451 -20.81 17.19 -2.76
CA SER A 451 -20.92 15.83 -2.25
C SER A 451 -21.22 15.80 -0.76
N LEU A 452 -20.68 16.76 -0.02
CA LEU A 452 -21.04 16.93 1.37
C LEU A 452 -22.51 17.29 1.51
N GLU A 453 -22.94 18.29 0.75
CA GLU A 453 -24.34 18.66 0.71
C GLU A 453 -25.23 17.43 0.40
N LEU A 454 -24.85 16.63 -0.60
CA LEU A 454 -25.63 15.44 -0.92
C LEU A 454 -25.77 14.52 0.29
N ALA A 455 -24.69 14.35 1.05
CA ALA A 455 -24.70 13.48 2.23
C ALA A 455 -25.69 13.99 3.29
N PHE A 456 -25.72 15.30 3.53
CA PHE A 456 -26.67 15.84 4.49
C PHE A 456 -28.10 15.60 4.04
N LEU A 457 -28.35 15.80 2.75
CA LEU A 457 -29.68 15.57 2.21
C LEU A 457 -30.06 14.10 2.27
N VAL A 458 -29.11 13.20 2.06
CA VAL A 458 -29.41 11.77 2.12
C VAL A 458 -29.58 11.32 3.56
N ALA A 459 -28.81 11.89 4.48
CA ALA A 459 -29.05 11.69 5.91
C ALA A 459 -30.48 12.04 6.29
N GLU A 460 -31.00 13.17 5.78
CA GLU A 460 -32.38 13.54 6.09
C GLU A 460 -33.39 12.56 5.48
N MET A 461 -33.10 12.01 4.32
CA MET A 461 -33.96 10.96 3.75
C MET A 461 -33.92 9.71 4.62
N LEU A 462 -32.75 9.39 5.17
CA LEU A 462 -32.59 8.21 6.01
C LEU A 462 -33.33 8.34 7.34
N ARG A 463 -33.54 9.57 7.79
CA ARG A 463 -34.17 9.88 9.07
C ARG A 463 -35.68 9.65 9.09
N ASP A 464 -36.27 9.47 7.91
CA ASP A 464 -37.69 9.11 7.78
C ASP A 464 -37.89 7.62 7.50
N GLY B 1 6.28 1.98 -25.42
CA GLY B 1 5.08 1.11 -25.59
C GLY B 1 5.40 -0.34 -25.38
N ALA B 2 4.37 -1.19 -25.49
CA ALA B 2 4.52 -2.63 -25.27
C ALA B 2 5.51 -3.27 -26.25
N MET B 3 5.51 -2.80 -27.50
CA MET B 3 6.42 -3.32 -28.54
C MET B 3 7.90 -3.12 -28.19
N ASN B 4 8.19 -2.08 -27.42
CA ASN B 4 9.54 -1.83 -26.92
C ASN B 4 9.77 -2.29 -25.47
N TRP B 5 8.77 -2.95 -24.89
CA TRP B 5 8.81 -3.40 -23.49
C TRP B 5 9.10 -2.25 -22.52
N THR B 6 8.50 -1.09 -22.79
CA THR B 6 8.66 0.07 -21.91
C THR B 6 7.32 0.70 -21.56
N VAL B 7 7.30 1.38 -20.42
CA VAL B 7 6.19 2.23 -20.07
C VAL B 7 6.62 3.68 -20.36
N ASP B 8 5.82 4.41 -21.14
CA ASP B 8 6.14 5.79 -21.49
C ASP B 8 5.47 6.77 -20.53
N ILE B 9 6.27 7.64 -19.93
CA ILE B 9 5.74 8.61 -18.98
C ILE B 9 6.10 10.04 -19.38
N PRO B 10 5.07 10.88 -19.63
CA PRO B 10 5.29 12.30 -19.95
C PRO B 10 5.73 13.10 -18.73
N ILE B 11 6.61 14.07 -18.95
CA ILE B 11 7.12 14.93 -17.86
C ILE B 11 6.62 16.36 -18.03
N ASP B 12 6.35 16.77 -19.26
CA ASP B 12 5.93 18.14 -19.57
C ASP B 12 4.61 18.55 -18.91
N GLN B 13 3.65 17.63 -18.88
CA GLN B 13 2.37 17.84 -18.20
C GLN B 13 2.45 17.28 -16.78
N LEU B 14 3.29 17.89 -15.96
CA LEU B 14 3.61 17.40 -14.61
C LEU B 14 3.38 18.45 -13.51
N PRO B 15 3.87 19.71 -13.70
CA PRO B 15 4.01 20.72 -12.63
C PRO B 15 2.68 21.22 -11.99
N SER B 16 2.76 22.05 -10.94
CA SER B 16 4.01 22.54 -10.34
C SER B 16 3.90 22.51 -8.82
N LEU B 17 4.98 22.07 -8.16
CA LEU B 17 4.94 21.81 -6.71
C LEU B 17 5.38 23.03 -5.88
N PRO B 18 4.70 23.29 -4.75
CA PRO B 18 5.03 24.43 -3.90
C PRO B 18 6.48 24.40 -3.40
N PRO B 19 7.15 25.57 -3.35
CA PRO B 19 8.57 25.57 -2.95
C PRO B 19 8.77 25.28 -1.46
N LEU B 20 9.90 24.66 -1.13
CA LEU B 20 10.27 24.46 0.25
C LEU B 20 10.44 25.79 0.99
N PRO B 21 10.13 25.80 2.31
CA PRO B 21 10.64 26.89 3.16
C PRO B 21 12.10 27.18 2.82
N THR B 22 12.45 28.46 2.76
CA THR B 22 13.77 28.94 2.32
C THR B 22 14.93 28.21 3.02
N ASP B 23 14.87 28.09 4.34
CA ASP B 23 15.92 27.39 5.11
C ASP B 23 16.05 25.89 4.78
N LEU B 24 14.93 25.21 4.58
CA LEU B 24 15.00 23.79 4.22
C LEU B 24 15.62 23.61 2.84
N ARG B 25 15.29 24.51 1.91
CA ARG B 25 15.94 24.53 0.59
C ARG B 25 17.45 24.72 0.72
N THR B 26 17.83 25.74 1.48
CA THR B 26 19.22 26.06 1.70
C THR B 26 19.98 24.89 2.32
N ARG B 27 19.39 24.25 3.31
N ARG B 27 19.38 24.28 3.33
CA ARG B 27 20.05 23.15 3.99
CA ARG B 27 19.98 23.15 4.04
C ARG B 27 20.11 21.91 3.11
C ARG B 27 20.07 21.90 3.15
N LEU B 28 19.04 21.66 2.35
CA LEU B 28 19.02 20.47 1.49
C LEU B 28 20.08 20.63 0.39
N ASP B 29 20.09 21.81 -0.24
CA ASP B 29 21.11 22.14 -1.24
C ASP B 29 22.53 21.96 -0.73
N ALA B 30 22.79 22.44 0.48
CA ALA B 30 24.14 22.34 1.07
C ALA B 30 24.50 20.89 1.39
N ALA B 31 23.53 20.10 1.86
CA ALA B 31 23.76 18.67 2.08
C ALA B 31 24.17 17.98 0.79
N LEU B 32 23.41 18.21 -0.29
CA LEU B 32 23.67 17.51 -1.56
C LEU B 32 24.92 17.98 -2.31
N ALA B 33 25.44 19.17 -1.98
CA ALA B 33 26.66 19.69 -2.61
C ALA B 33 27.92 19.02 -2.03
N LYS B 34 27.78 18.34 -0.91
CA LYS B 34 28.91 17.68 -0.28
C LYS B 34 29.32 16.43 -1.07
N PRO B 35 30.56 15.96 -0.90
CA PRO B 35 30.95 14.76 -1.66
C PRO B 35 30.10 13.57 -1.24
N ALA B 36 29.79 12.70 -2.21
CA ALA B 36 28.94 11.55 -1.95
C ALA B 36 29.60 10.32 -2.54
N ALA B 37 29.84 9.34 -1.68
CA ALA B 37 30.47 8.08 -2.06
C ALA B 37 29.44 7.10 -2.59
N GLN B 38 29.91 6.20 -3.45
CA GLN B 38 29.13 5.04 -3.88
C GLN B 38 27.88 5.36 -4.69
N GLN B 39 27.92 6.48 -5.40
CA GLN B 39 26.77 6.93 -6.20
C GLN B 39 26.81 6.28 -7.57
N PRO B 40 25.65 6.08 -8.16
CA PRO B 40 25.56 5.66 -9.54
C PRO B 40 26.12 6.74 -10.47
N THR B 41 26.58 6.36 -11.63
CA THR B 41 27.16 7.27 -12.56
C THR B 41 26.35 7.66 -13.78
N TRP B 42 25.06 7.69 -13.72
CA TRP B 42 24.26 8.11 -14.83
C TRP B 42 24.27 9.63 -15.15
N PRO B 43 23.88 9.98 -16.35
CA PRO B 43 23.85 11.41 -16.69
C PRO B 43 22.86 12.22 -15.83
N ALA B 44 23.27 13.43 -15.48
CA ALA B 44 22.51 14.32 -14.60
C ALA B 44 21.13 14.69 -15.16
N ASP B 45 21.05 14.88 -16.48
CA ASP B 45 19.77 15.22 -17.10
C ASP B 45 18.75 14.07 -17.05
N GLN B 46 19.22 12.84 -17.21
CA GLN B 46 18.34 11.70 -17.11
C GLN B 46 17.88 11.50 -15.65
N ALA B 47 18.82 11.64 -14.72
CA ALA B 47 18.47 11.54 -13.30
C ALA B 47 17.40 12.57 -12.92
N LEU B 48 17.59 13.81 -13.38
CA LEU B 48 16.63 14.88 -13.10
C LEU B 48 15.24 14.52 -13.64
N ALA B 49 15.19 13.99 -14.86
CA ALA B 49 13.92 13.56 -15.42
C ALA B 49 13.24 12.50 -14.53
N MET B 50 14.01 11.51 -14.07
CA MET B 50 13.44 10.45 -13.23
C MET B 50 12.95 11.01 -11.88
N ARG B 51 13.76 11.88 -11.27
CA ARG B 51 13.38 12.54 -10.01
C ARG B 51 12.09 13.34 -10.14
N THR B 52 11.90 13.97 -11.29
CA THR B 52 10.70 14.73 -11.55
C THR B 52 9.47 13.82 -11.59
N VAL B 53 9.63 12.61 -12.14
CA VAL B 53 8.55 11.63 -12.04
C VAL B 53 8.27 11.28 -10.56
N LEU B 54 9.31 10.99 -9.79
CA LEU B 54 9.11 10.55 -8.43
C LEU B 54 8.57 11.65 -7.49
N GLU B 55 8.74 12.91 -7.87
CA GLU B 55 8.38 14.00 -6.99
C GLU B 55 6.88 14.15 -6.78
N SER B 56 6.06 13.51 -7.62
CA SER B 56 4.62 13.63 -7.46
C SER B 56 3.87 12.30 -7.28
N VAL B 57 4.58 11.19 -7.17
CA VAL B 57 3.93 9.92 -6.88
C VAL B 57 3.47 9.87 -5.41
N PRO B 58 2.47 9.01 -5.10
CA PRO B 58 2.09 8.74 -3.70
C PRO B 58 3.28 8.19 -2.91
N PRO B 59 3.52 8.71 -1.71
CA PRO B 59 4.69 8.29 -0.95
C PRO B 59 4.58 6.81 -0.55
N VAL B 60 5.69 6.18 -0.20
CA VAL B 60 5.66 4.81 0.32
C VAL B 60 5.14 4.80 1.76
N THR B 61 5.51 5.84 2.52
CA THR B 61 5.10 5.97 3.90
C THR B 61 4.51 7.35 4.12
N VAL B 62 3.93 7.59 5.30
CA VAL B 62 3.43 8.92 5.64
C VAL B 62 4.03 9.41 6.97
N PRO B 63 4.11 10.74 7.15
CA PRO B 63 4.77 11.33 8.32
C PRO B 63 4.28 10.81 9.66
N SER B 64 2.96 10.62 9.81
CA SER B 64 2.42 10.19 11.11
C SER B 64 2.92 8.80 11.53
N GLU B 65 3.20 7.94 10.55
CA GLU B 65 3.79 6.63 10.81
C GLU B 65 5.22 6.76 11.29
N ILE B 66 5.93 7.72 10.72
CA ILE B 66 7.32 7.95 11.04
C ILE B 66 7.44 8.54 12.46
N VAL B 67 6.53 9.45 12.82
CA VAL B 67 6.43 10.00 14.17
C VAL B 67 6.10 8.88 15.19
N ARG B 68 5.17 8.00 14.84
CA ARG B 68 4.86 6.86 15.69
C ARG B 68 6.05 5.91 15.89
N LEU B 69 6.79 5.63 14.82
CA LEU B 69 7.99 4.79 14.90
C LEU B 69 8.99 5.39 15.89
N GLN B 70 9.17 6.69 15.78
CA GLN B 70 10.07 7.46 16.60
C GLN B 70 9.70 7.36 18.09
N GLU B 71 8.40 7.39 18.41
CA GLU B 71 7.93 7.22 19.79
C GLU B 71 8.25 5.82 20.30
N GLN B 72 8.08 4.82 19.43
CA GLN B 72 8.39 3.44 19.79
C GLN B 72 9.90 3.19 19.90
N LEU B 73 10.70 3.85 19.05
CA LEU B 73 12.16 3.73 19.16
C LEU B 73 12.69 4.43 20.42
N ALA B 74 12.00 5.48 20.85
CA ALA B 74 12.36 6.17 22.08
C ALA B 74 12.23 5.20 23.24
N GLN B 75 11.19 4.37 23.24
CA GLN B 75 11.04 3.35 24.28
C GLN B 75 12.21 2.38 24.28
N VAL B 76 12.65 1.98 23.09
CA VAL B 76 13.80 1.09 22.94
C VAL B 76 15.04 1.74 23.53
N ALA B 77 15.27 3.00 23.19
CA ALA B 77 16.44 3.74 23.66
C ALA B 77 16.46 3.86 25.18
N LYS B 78 15.26 3.95 25.77
CA LYS B 78 15.12 4.04 27.23
C LYS B 78 15.23 2.69 27.96
N GLY B 79 15.46 1.62 27.22
CA GLY B 79 15.63 0.30 27.79
C GLY B 79 14.30 -0.39 28.06
N GLU B 80 13.25 0.06 27.39
CA GLU B 80 11.91 -0.47 27.65
C GLU B 80 11.27 -1.19 26.45
N ALA B 81 12.04 -1.38 25.38
CA ALA B 81 11.59 -2.17 24.25
C ALA B 81 12.83 -2.67 23.51
N PHE B 82 12.64 -3.57 22.55
CA PHE B 82 13.73 -4.19 21.81
C PHE B 82 13.45 -4.01 20.32
N LEU B 83 14.49 -3.75 19.54
CA LEU B 83 14.39 -3.54 18.09
C LEU B 83 14.80 -4.78 17.30
N LEU B 84 13.88 -5.28 16.47
CA LEU B 84 14.22 -6.32 15.51
C LEU B 84 14.16 -5.74 14.09
N GLN B 85 15.31 -5.69 13.44
CA GLN B 85 15.37 -5.19 12.07
C GLN B 85 15.90 -6.32 11.20
N GLY B 86 15.14 -6.66 10.16
CA GLY B 86 15.58 -7.76 9.27
C GLY B 86 14.94 -7.83 7.90
N GLY B 87 15.61 -8.54 6.98
CA GLY B 87 15.13 -8.75 5.62
C GLY B 87 16.30 -9.06 4.69
N ASP B 88 16.04 -8.96 3.38
CA ASP B 88 17.06 -9.28 2.37
C ASP B 88 18.24 -8.32 2.44
N CYS B 89 19.43 -8.82 2.09
CA CYS B 89 20.55 -7.93 1.86
C CYS B 89 20.23 -7.00 0.69
N ALA B 90 19.83 -7.61 -0.43
CA ALA B 90 19.45 -6.88 -1.63
C ALA B 90 18.10 -7.39 -2.12
N GLU B 91 17.04 -6.59 -1.95
CA GLU B 91 15.75 -6.91 -2.55
C GLU B 91 15.97 -6.86 -4.05
N THR B 92 15.40 -7.81 -4.77
CA THR B 92 15.48 -7.79 -6.22
C THR B 92 14.07 -7.58 -6.75
N PHE B 93 13.96 -6.95 -7.92
CA PHE B 93 12.69 -6.89 -8.63
C PHE B 93 12.16 -8.30 -8.93
N MET B 94 13.08 -9.20 -9.32
CA MET B 94 12.74 -10.59 -9.65
C MET B 94 11.99 -11.32 -8.53
N ASP B 95 12.38 -11.10 -7.29
CA ASP B 95 11.77 -11.80 -6.17
C ASP B 95 10.75 -10.95 -5.39
N ASN B 96 10.34 -9.82 -5.96
CA ASN B 96 9.35 -8.96 -5.33
C ASN B 96 7.95 -9.51 -5.57
N THR B 97 7.66 -10.68 -4.99
CA THR B 97 6.44 -11.43 -5.28
C THR B 97 5.69 -11.68 -3.98
N GLU B 98 4.41 -11.99 -4.08
CA GLU B 98 3.63 -12.33 -2.91
C GLU B 98 4.31 -13.42 -2.02
N PRO B 99 4.73 -14.57 -2.61
CA PRO B 99 5.33 -15.58 -1.73
C PRO B 99 6.58 -15.10 -1.01
N HIS B 100 7.48 -14.40 -1.71
CA HIS B 100 8.73 -13.99 -1.09
C HIS B 100 8.49 -12.96 0.03
N ILE B 101 7.65 -11.97 -0.26
CA ILE B 101 7.29 -10.96 0.73
C ILE B 101 6.58 -11.57 1.94
N ARG B 102 5.58 -12.41 1.70
CA ARG B 102 4.90 -13.09 2.79
C ARG B 102 5.90 -13.90 3.64
N GLY B 103 6.81 -14.61 2.99
CA GLY B 103 7.80 -15.40 3.73
C GLY B 103 8.62 -14.51 4.63
N ASN B 104 9.06 -13.36 4.13
CA ASN B 104 9.89 -12.46 4.94
C ASN B 104 9.12 -11.78 6.06
N VAL B 105 7.89 -11.40 5.77
CA VAL B 105 7.00 -10.85 6.81
C VAL B 105 6.79 -11.88 7.94
N ARG B 106 6.46 -13.10 7.56
CA ARG B 106 6.26 -14.19 8.50
C ARG B 106 7.50 -14.46 9.36
N ALA B 107 8.67 -14.57 8.73
CA ALA B 107 9.91 -14.84 9.47
C ALA B 107 10.13 -13.77 10.52
N LEU B 108 9.91 -12.51 10.15
CA LEU B 108 10.02 -11.41 11.09
C LEU B 108 9.01 -11.51 12.24
N LEU B 109 7.77 -11.84 11.92
CA LEU B 109 6.74 -11.97 12.96
C LEU B 109 7.05 -13.13 13.92
N GLN B 110 7.54 -14.23 13.35
CA GLN B 110 7.93 -15.39 14.14
C GLN B 110 9.08 -15.06 15.10
N MET B 111 10.12 -14.42 14.59
CA MET B 111 11.25 -14.02 15.43
C MET B 111 10.78 -13.07 16.51
N ALA B 112 9.93 -12.12 16.15
CA ALA B 112 9.44 -11.10 17.09
C ALA B 112 8.72 -11.66 18.30
N VAL B 113 7.89 -12.70 18.13
CA VAL B 113 7.16 -13.25 19.26
C VAL B 113 8.10 -13.92 20.23
N VAL B 114 9.07 -14.64 19.68
CA VAL B 114 10.09 -15.33 20.46
C VAL B 114 10.88 -14.29 21.23
N LEU B 115 11.30 -13.23 20.54
CA LEU B 115 12.11 -12.20 21.17
C LEU B 115 11.33 -11.42 22.22
N THR B 116 10.07 -11.12 21.93
CA THR B 116 9.17 -10.47 22.89
C THR B 116 9.13 -11.30 24.17
N TYR B 117 8.88 -12.61 24.04
CA TYR B 117 8.80 -13.48 25.21
C TYR B 117 10.12 -13.48 25.97
N GLY B 118 11.23 -13.56 25.23
CA GLY B 118 12.54 -13.60 25.85
C GLY B 118 12.90 -12.29 26.53
N ALA B 119 12.53 -11.18 25.90
CA ALA B 119 12.84 -9.83 26.40
C ALA B 119 11.91 -9.35 27.50
N SER B 120 10.69 -9.91 27.55
CA SER B 120 9.63 -9.41 28.45
C SER B 120 9.38 -7.93 28.22
N MET B 121 9.41 -7.52 26.96
CA MET B 121 9.09 -6.14 26.59
C MET B 121 8.75 -6.11 25.10
N PRO B 122 8.07 -5.04 24.65
CA PRO B 122 7.64 -4.98 23.24
C PRO B 122 8.83 -5.01 22.28
N VAL B 123 8.61 -5.61 21.12
CA VAL B 123 9.61 -5.68 20.06
C VAL B 123 9.11 -4.84 18.88
N VAL B 124 9.92 -3.86 18.47
CA VAL B 124 9.64 -3.04 17.31
C VAL B 124 10.16 -3.77 16.06
N LYS B 125 9.29 -3.94 15.07
CA LYS B 125 9.61 -4.70 13.87
C LYS B 125 9.88 -3.80 12.67
N VAL B 126 11.11 -3.83 12.19
CA VAL B 126 11.47 -3.04 11.03
C VAL B 126 12.01 -3.98 9.96
N ALA B 127 11.39 -4.00 8.78
CA ALA B 127 11.87 -4.87 7.73
C ALA B 127 12.84 -4.10 6.84
N ARG B 128 13.84 -4.79 6.30
CA ARG B 128 14.60 -4.26 5.17
C ARG B 128 13.77 -4.69 3.98
N ILE B 129 12.91 -3.80 3.50
CA ILE B 129 11.96 -4.17 2.47
C ILE B 129 11.45 -2.90 1.85
N ALA B 130 10.81 -3.00 0.67
CA ALA B 130 10.14 -1.87 0.03
C ALA B 130 11.12 -0.74 -0.25
N GLY B 131 12.32 -1.09 -0.69
CA GLY B 131 13.28 -0.03 -1.04
C GLY B 131 14.74 -0.39 -0.88
N GLN B 132 15.02 -1.62 -0.47
CA GLN B 132 16.39 -2.03 -0.20
C GLN B 132 17.03 -2.53 -1.50
N TYR B 133 17.17 -1.62 -2.45
CA TYR B 133 17.46 -1.91 -3.84
C TYR B 133 18.83 -1.39 -4.31
N ALA B 134 19.61 -0.81 -3.42
CA ALA B 134 20.88 -0.20 -3.80
C ALA B 134 21.98 -0.64 -2.86
N LYS B 135 23.10 -1.09 -3.42
CA LYS B 135 24.21 -1.61 -2.64
C LYS B 135 25.47 -0.80 -2.93
N PRO B 136 26.20 -0.44 -1.86
CA PRO B 136 27.57 0.03 -2.07
C PRO B 136 28.45 -1.21 -2.32
N ARG B 137 29.56 -1.05 -3.03
CA ARG B 137 30.46 -2.17 -3.25
C ARG B 137 31.90 -1.85 -2.89
N SER B 138 32.64 -2.85 -2.41
CA SER B 138 34.07 -2.71 -2.10
C SER B 138 34.92 -2.40 -3.33
N ALA B 139 34.55 -2.98 -4.47
CA ALA B 139 35.31 -2.78 -5.72
C ALA B 139 34.43 -2.36 -6.91
N ASP B 140 35.01 -1.60 -7.84
CA ASP B 140 34.30 -1.15 -9.04
C ASP B 140 34.10 -2.28 -10.05
N ILE B 141 35.03 -3.24 -10.04
CA ILE B 141 35.05 -4.35 -10.99
C ILE B 141 34.95 -5.66 -10.21
N ASP B 142 34.00 -6.50 -10.57
CA ASP B 142 33.85 -7.77 -9.86
C ASP B 142 34.83 -8.87 -10.36
N ALA B 143 34.68 -10.09 -9.85
CA ALA B 143 35.63 -11.17 -10.18
C ALA B 143 35.57 -11.62 -11.64
N LEU B 144 34.46 -11.32 -12.32
CA LEU B 144 34.33 -11.63 -13.74
C LEU B 144 34.87 -10.56 -14.68
N GLY B 145 35.34 -9.44 -14.12
CA GLY B 145 35.78 -8.33 -14.94
C GLY B 145 34.67 -7.36 -15.32
N LEU B 146 33.47 -7.59 -14.78
CA LEU B 146 32.33 -6.73 -15.01
C LEU B 146 32.25 -5.59 -13.99
N ARG B 147 31.65 -4.48 -14.40
CA ARG B 147 31.27 -3.45 -13.43
C ARG B 147 30.36 -4.07 -12.38
N SER B 148 30.66 -3.79 -11.12
CA SER B 148 29.97 -4.43 -10.02
C SER B 148 28.47 -4.20 -10.06
N TYR B 149 27.73 -5.25 -9.74
CA TYR B 149 26.30 -5.11 -9.44
C TYR B 149 26.13 -4.21 -8.22
N ARG B 150 25.25 -3.21 -8.32
CA ARG B 150 25.03 -2.29 -7.21
C ARG B 150 23.59 -2.26 -6.76
N GLY B 151 22.87 -3.36 -7.03
CA GLY B 151 21.46 -3.46 -6.67
C GLY B 151 20.57 -2.96 -7.79
N ASP B 152 19.33 -3.46 -7.81
CA ASP B 152 18.37 -3.22 -8.89
C ASP B 152 17.95 -1.77 -9.11
N MET B 153 18.18 -0.89 -8.14
CA MET B 153 17.94 0.53 -8.35
C MET B 153 19.00 1.14 -9.27
N ILE B 154 20.09 0.41 -9.50
CA ILE B 154 21.23 0.96 -10.23
C ILE B 154 21.52 0.19 -11.52
N ASN B 155 21.69 -1.12 -11.42
CA ASN B 155 21.98 -1.94 -12.57
C ASN B 155 21.43 -3.36 -12.42
N GLY B 156 21.70 -4.24 -13.37
CA GLY B 156 21.16 -5.60 -13.33
C GLY B 156 22.16 -6.61 -12.82
N PHE B 157 21.64 -7.65 -12.17
CA PHE B 157 22.47 -8.71 -11.59
C PHE B 157 23.10 -9.60 -12.66
N ALA B 158 22.46 -9.70 -13.83
CA ALA B 158 22.94 -10.58 -14.91
C ALA B 158 24.41 -10.30 -15.21
N PRO B 159 25.21 -11.37 -15.40
CA PRO B 159 26.64 -11.15 -15.60
C PRO B 159 26.98 -10.82 -17.05
N ASP B 160 26.47 -9.69 -17.56
CA ASP B 160 26.91 -9.18 -18.83
C ASP B 160 27.04 -7.66 -18.77
N ALA B 161 27.88 -7.10 -19.62
CA ALA B 161 28.25 -5.69 -19.54
C ALA B 161 27.05 -4.76 -19.69
N ALA B 162 26.18 -5.05 -20.66
CA ALA B 162 25.05 -4.20 -20.94
C ALA B 162 24.11 -4.16 -19.73
N ALA B 163 23.88 -5.31 -19.08
CA ALA B 163 23.03 -5.35 -17.88
C ALA B 163 23.63 -4.53 -16.73
N ARG B 164 24.96 -4.42 -16.69
CA ARG B 164 25.65 -3.74 -15.60
C ARG B 164 25.79 -2.23 -15.77
N GLU B 165 25.34 -1.71 -16.91
CA GLU B 165 25.35 -0.28 -17.12
C GLU B 165 24.38 0.40 -16.14
N HIS B 166 24.80 1.52 -15.57
CA HIS B 166 23.94 2.25 -14.65
C HIS B 166 22.77 2.90 -15.39
N ASP B 167 21.55 2.61 -14.95
CA ASP B 167 20.35 2.96 -15.71
C ASP B 167 19.36 3.70 -14.83
N PRO B 168 19.21 5.01 -15.05
CA PRO B 168 18.43 5.86 -14.15
C PRO B 168 16.93 5.55 -14.16
N SER B 169 16.45 4.87 -15.20
CA SER B 169 15.08 4.39 -15.21
C SER B 169 14.80 3.42 -14.04
N ARG B 170 15.85 2.82 -13.51
CA ARG B 170 15.71 1.98 -12.33
C ARG B 170 15.30 2.74 -11.04
N LEU B 171 15.47 4.06 -11.01
CA LEU B 171 14.90 4.86 -9.91
C LEU B 171 13.37 4.69 -9.87
N VAL B 172 12.74 4.73 -11.03
CA VAL B 172 11.30 4.68 -11.12
C VAL B 172 10.80 3.26 -10.91
N ARG B 173 11.46 2.28 -11.53
CA ARG B 173 11.17 0.87 -11.29
C ARG B 173 11.33 0.51 -9.81
N ALA B 174 12.33 1.11 -9.15
CA ALA B 174 12.52 0.86 -7.72
C ALA B 174 11.33 1.34 -6.91
N TYR B 175 10.83 2.53 -7.24
CA TYR B 175 9.67 3.08 -6.55
C TYR B 175 8.43 2.22 -6.77
N ALA B 176 8.17 1.82 -8.02
CA ALA B 176 7.01 0.98 -8.33
C ALA B 176 7.09 -0.34 -7.55
N ASN B 177 8.28 -0.90 -7.48
CA ASN B 177 8.47 -2.14 -6.71
C ASN B 177 8.29 -1.92 -5.21
N ALA B 178 8.80 -0.81 -4.71
CA ALA B 178 8.71 -0.49 -3.28
C ALA B 178 7.25 -0.29 -2.85
N SER B 179 6.49 0.48 -3.62
CA SER B 179 5.15 0.76 -3.20
C SER B 179 4.25 -0.46 -3.35
N ALA B 180 4.53 -1.29 -4.34
CA ALA B 180 3.79 -2.56 -4.46
C ALA B 180 4.09 -3.47 -3.26
N ALA B 181 5.35 -3.54 -2.87
CA ALA B 181 5.73 -4.36 -1.73
C ALA B 181 5.12 -3.80 -0.43
N MET B 182 5.21 -2.48 -0.23
CA MET B 182 4.64 -1.84 0.96
C MET B 182 3.13 -2.07 1.04
N ASN B 183 2.46 -1.91 -0.10
CA ASN B 183 1.04 -2.19 -0.15
C ASN B 183 0.71 -3.57 0.39
N LEU B 184 1.48 -4.58 -0.02
CA LEU B 184 1.26 -5.94 0.44
C LEU B 184 1.61 -6.11 1.92
N VAL B 185 2.73 -5.53 2.35
CA VAL B 185 3.11 -5.60 3.76
C VAL B 185 2.01 -5.02 4.66
N ARG B 186 1.42 -3.90 4.26
CA ARG B 186 0.28 -3.35 5.01
C ARG B 186 -0.91 -4.30 5.04
N ALA B 187 -1.24 -4.89 3.89
CA ALA B 187 -2.35 -5.85 3.79
C ALA B 187 -2.10 -7.02 4.71
N LEU B 188 -0.88 -7.55 4.69
CA LEU B 188 -0.54 -8.75 5.45
C LEU B 188 -0.57 -8.50 6.96
N THR B 189 -0.15 -7.32 7.38
CA THR B 189 -0.02 -7.07 8.81
C THR B 189 -1.36 -6.76 9.47
N SER B 190 -2.38 -6.48 8.66
CA SER B 190 -3.74 -6.50 9.20
C SER B 190 -4.61 -7.69 8.77
N SER B 191 -3.99 -8.74 8.21
CA SER B 191 -4.67 -10.01 7.98
C SER B 191 -4.43 -10.98 9.15
N GLY B 192 -4.97 -12.18 9.04
CA GLY B 192 -4.79 -13.20 10.08
C GLY B 192 -3.35 -13.63 10.23
N LEU B 193 -2.50 -13.19 9.29
CA LEU B 193 -1.08 -13.52 9.31
C LEU B 193 -0.40 -12.99 10.55
N ALA B 194 -0.87 -11.84 11.02
CA ALA B 194 -0.24 -11.18 12.15
C ALA B 194 -0.78 -11.65 13.52
N SER B 195 -1.79 -12.51 13.51
CA SER B 195 -2.33 -13.05 14.75
C SER B 195 -1.28 -13.86 15.52
N LEU B 196 -1.15 -13.58 16.80
CA LEU B 196 -0.20 -14.29 17.67
C LEU B 196 -0.42 -15.80 17.72
N HIS B 197 -1.68 -16.24 17.65
CA HIS B 197 -1.99 -17.67 17.72
C HIS B 197 -1.31 -18.49 16.61
N LEU B 198 -1.17 -17.93 15.41
CA LEU B 198 -0.45 -18.60 14.32
C LEU B 198 0.97 -19.08 14.69
N VAL B 199 1.52 -18.51 15.77
CA VAL B 199 2.84 -18.88 16.32
C VAL B 199 2.91 -20.33 16.80
N HIS B 200 1.82 -20.80 17.41
CA HIS B 200 1.82 -22.15 17.99
C HIS B 200 2.23 -23.17 16.94
N ASP B 201 1.63 -23.10 15.76
CA ASP B 201 1.96 -24.01 14.68
C ASP B 201 3.30 -23.70 14.02
N TRP B 202 3.62 -22.43 13.86
CA TRP B 202 4.88 -22.04 13.24
C TRP B 202 6.09 -22.55 14.02
N ASN B 203 6.06 -22.32 15.34
CA ASN B 203 7.08 -22.79 16.26
C ASN B 203 7.07 -24.30 16.41
N ARG B 204 5.88 -24.88 16.53
CA ARG B 204 5.76 -26.32 16.62
C ARG B 204 6.41 -26.97 15.42
N GLU B 205 6.11 -26.42 14.24
CA GLU B 205 6.60 -26.98 12.99
C GLU B 205 8.11 -26.83 12.89
N PHE B 206 8.64 -25.73 13.39
CA PHE B 206 10.07 -25.52 13.42
C PHE B 206 10.77 -26.50 14.37
N VAL B 207 10.19 -26.68 15.55
CA VAL B 207 10.71 -27.59 16.58
C VAL B 207 10.70 -29.07 16.16
N ARG B 208 9.66 -29.48 15.45
CA ARG B 208 9.56 -30.86 14.98
C ARG B 208 10.56 -31.19 13.88
N THR B 209 10.79 -30.25 12.97
CA THR B 209 11.58 -30.53 11.77
C THR B 209 13.04 -30.10 11.87
N SER B 210 13.36 -29.27 12.86
CA SER B 210 14.73 -28.89 13.11
C SER B 210 15.51 -30.08 13.67
N PRO B 211 16.74 -30.29 13.16
CA PRO B 211 17.61 -31.29 13.77
C PRO B 211 17.95 -30.99 15.24
N ALA B 212 17.87 -29.72 15.63
CA ALA B 212 18.12 -29.33 17.03
C ALA B 212 16.85 -28.94 17.78
N GLY B 213 15.71 -29.41 17.28
CA GLY B 213 14.40 -29.14 17.87
C GLY B 213 14.29 -29.42 19.35
N ALA B 214 14.89 -30.51 19.81
CA ALA B 214 14.90 -30.85 21.24
C ALA B 214 15.55 -29.77 22.09
N ARG B 215 16.50 -29.03 21.53
CA ARG B 215 17.16 -27.93 22.24
C ARG B 215 16.22 -26.75 22.45
N TYR B 216 15.28 -26.56 21.52
CA TYR B 216 14.41 -25.39 21.55
C TYR B 216 12.98 -25.71 22.00
N GLU B 217 12.68 -26.98 22.23
CA GLU B 217 11.35 -27.42 22.64
C GLU B 217 10.85 -26.73 23.91
N ALA B 218 11.68 -26.65 24.94
CA ALA B 218 11.27 -26.07 26.21
C ALA B 218 10.79 -24.62 26.08
N LEU B 219 11.60 -23.78 25.42
CA LEU B 219 11.25 -22.39 25.23
C LEU B 219 10.01 -22.25 24.36
N ALA B 220 9.92 -23.06 23.31
CA ALA B 220 8.74 -23.06 22.44
C ALA B 220 7.45 -23.43 23.20
N THR B 221 7.56 -24.38 24.11
CA THR B 221 6.44 -24.81 24.93
C THR B 221 6.05 -23.71 25.92
N GLU B 222 7.07 -23.06 26.48
CA GLU B 222 6.85 -21.97 27.40
C GLU B 222 6.09 -20.81 26.74
N ILE B 223 6.48 -20.48 25.52
CA ILE B 223 5.87 -19.40 24.76
C ILE B 223 4.43 -19.74 24.46
N ASP B 224 4.21 -20.97 24.02
CA ASP B 224 2.87 -21.48 23.79
C ASP B 224 1.99 -21.36 25.05
N ARG B 225 2.53 -21.73 26.20
CA ARG B 225 1.76 -21.65 27.44
C ARG B 225 1.49 -20.19 27.84
N GLY B 226 2.42 -19.31 27.50
CA GLY B 226 2.22 -17.89 27.72
C GLY B 226 1.10 -17.34 26.85
N LEU B 227 1.04 -17.77 25.61
CA LEU B 227 -0.01 -17.36 24.67
C LEU B 227 -1.36 -17.87 25.11
N ARG B 228 -1.41 -19.12 25.55
CA ARG B 228 -2.67 -19.72 25.98
C ARG B 228 -3.15 -19.07 27.27
N PHE B 229 -2.20 -18.66 28.10
CA PHE B 229 -2.48 -17.92 29.32
C PHE B 229 -3.12 -16.55 29.02
N MET B 230 -2.56 -15.83 28.05
CA MET B 230 -3.12 -14.56 27.58
C MET B 230 -4.59 -14.74 27.24
N SER B 231 -4.83 -15.75 26.42
CA SER B 231 -6.16 -16.05 25.92
C SER B 231 -7.12 -16.49 27.05
N ALA B 232 -6.59 -17.28 27.99
CA ALA B 232 -7.36 -17.70 29.16
C ALA B 232 -7.73 -16.51 30.06
N CYS B 233 -6.93 -15.46 30.04
CA CYS B 233 -7.22 -14.24 30.79
C CYS B 233 -8.25 -13.33 30.10
N GLY B 234 -8.70 -13.73 28.91
CA GLY B 234 -9.75 -13.02 28.18
C GLY B 234 -9.26 -12.10 27.07
N VAL B 235 -7.99 -12.22 26.72
CA VAL B 235 -7.39 -11.44 25.62
C VAL B 235 -7.58 -12.11 24.26
N ALA B 236 -8.42 -11.50 23.42
CA ALA B 236 -8.58 -11.92 22.03
C ALA B 236 -7.77 -11.03 21.08
N ASP B 237 -7.75 -11.42 19.80
CA ASP B 237 -7.11 -10.64 18.73
C ASP B 237 -7.58 -9.19 18.68
N ARG B 238 -8.89 -8.98 18.80
CA ARG B 238 -9.50 -7.64 18.76
C ARG B 238 -9.12 -6.75 19.94
N ASN B 239 -8.52 -7.35 20.96
CA ASN B 239 -8.06 -6.62 22.16
C ASN B 239 -6.63 -6.11 22.02
N LEU B 240 -5.96 -6.49 20.93
CA LEU B 240 -4.54 -6.22 20.79
C LEU B 240 -4.25 -5.15 19.75
N GLN B 241 -3.10 -4.50 19.90
CA GLN B 241 -2.55 -3.62 18.87
C GLN B 241 -2.43 -4.40 17.56
N THR B 242 -3.05 -3.88 16.49
CA THR B 242 -2.80 -4.39 15.15
C THR B 242 -1.29 -4.37 14.88
N ALA B 243 -0.78 -5.43 14.23
CA ALA B 243 0.66 -5.57 13.97
C ALA B 243 1.23 -4.42 13.11
N GLU B 244 2.42 -3.94 13.50
CA GLU B 244 3.08 -2.90 12.75
C GLU B 244 4.44 -3.39 12.29
N ILE B 245 4.65 -3.39 10.98
CA ILE B 245 5.98 -3.65 10.43
C ILE B 245 6.42 -2.44 9.62
N TYR B 246 7.51 -1.83 10.03
CA TYR B 246 7.98 -0.62 9.38
C TYR B 246 8.94 -0.98 8.26
N ALA B 247 9.12 -0.03 7.34
CA ALA B 247 10.01 -0.21 6.20
C ALA B 247 11.30 0.59 6.39
N SER B 248 12.42 -0.03 6.03
CA SER B 248 13.70 0.63 6.12
C SER B 248 14.59 0.13 4.99
N HIS B 249 15.60 0.92 4.65
CA HIS B 249 16.64 0.50 3.73
C HIS B 249 17.81 1.40 3.95
N GLU B 250 18.95 1.08 3.35
CA GLU B 250 20.09 1.97 3.39
C GLU B 250 19.79 3.14 2.48
N ALA B 251 19.90 4.35 3.03
CA ALA B 251 19.76 5.56 2.24
C ALA B 251 21.07 5.76 1.48
N LEU B 252 21.12 5.22 0.26
CA LEU B 252 22.36 5.18 -0.48
C LEU B 252 22.29 6.10 -1.68
N VAL B 253 21.28 5.90 -2.52
CA VAL B 253 21.19 6.64 -3.77
C VAL B 253 20.48 7.96 -3.54
N LEU B 254 21.26 9.04 -3.52
CA LEU B 254 20.73 10.33 -3.11
C LEU B 254 19.73 10.85 -4.11
N ASP B 255 19.83 10.43 -5.37
CA ASP B 255 18.83 10.80 -6.39
C ASP B 255 17.45 10.28 -6.02
N TYR B 256 17.40 9.10 -5.43
CA TYR B 256 16.16 8.49 -5.00
C TYR B 256 15.64 9.14 -3.72
N GLU B 257 16.51 9.24 -2.72
CA GLU B 257 16.07 9.75 -1.44
C GLU B 257 15.58 11.20 -1.52
N ARG B 258 16.28 12.05 -2.26
CA ARG B 258 15.86 13.45 -2.42
C ARG B 258 14.55 13.61 -3.20
N ALA B 259 14.29 12.74 -4.17
CA ALA B 259 13.04 12.80 -4.92
C ALA B 259 11.86 12.31 -4.06
N MET B 260 12.15 11.49 -3.06
CA MET B 260 11.10 10.98 -2.17
C MET B 260 10.88 11.85 -0.92
N LEU B 261 11.58 12.98 -0.85
CA LEU B 261 11.33 13.95 0.20
C LEU B 261 9.97 14.61 0.07
N ARG B 262 9.32 14.80 1.22
CA ARG B 262 8.05 15.51 1.29
C ARG B 262 8.00 16.39 2.54
N LEU B 263 7.36 17.53 2.41
CA LEU B 263 7.23 18.47 3.49
C LEU B 263 5.97 18.15 4.33
N SER B 264 6.14 18.06 5.64
CA SER B 264 5.02 17.85 6.57
C SER B 264 4.18 19.12 6.72
N ASP B 265 3.01 18.96 7.33
CA ASP B 265 2.14 20.12 7.65
C ASP B 265 2.43 20.74 9.05
N GLY B 266 1.43 21.40 9.63
CA GLY B 266 1.58 22.06 10.93
C GLY B 266 1.14 21.30 12.19
N ASP B 267 1.18 19.97 12.14
CA ASP B 267 0.78 19.11 13.27
C ASP B 267 1.88 18.68 14.26
N ASP B 268 3.09 19.24 14.11
CA ASP B 268 4.14 19.16 15.16
C ASP B 268 4.60 20.58 15.53
N GLY B 269 4.30 21.52 14.64
CA GLY B 269 4.78 22.89 14.77
C GLY B 269 5.44 23.30 13.46
N GLU B 270 6.76 23.20 13.40
CA GLU B 270 7.50 23.59 12.21
C GLU B 270 7.38 22.54 11.11
N PRO B 271 7.13 22.97 9.87
CA PRO B 271 7.18 22.01 8.76
C PRO B 271 8.59 21.42 8.67
N GLN B 272 8.66 20.12 8.36
CA GLN B 272 9.91 19.38 8.29
C GLN B 272 9.95 18.51 7.04
N LEU B 273 11.16 18.19 6.59
CA LEU B 273 11.34 17.25 5.51
C LEU B 273 11.33 15.84 6.03
N PHE B 274 10.44 15.03 5.48
CA PHE B 274 10.43 13.62 5.77
C PHE B 274 10.84 12.91 4.49
N ASP B 275 11.68 11.89 4.64
CA ASP B 275 11.96 11.01 3.54
C ASP B 275 10.85 9.94 3.52
N LEU B 276 9.97 10.01 2.51
CA LEU B 276 8.79 9.14 2.53
C LEU B 276 8.98 7.90 1.66
N SER B 277 10.25 7.55 1.45
CA SER B 277 10.57 6.31 0.77
C SER B 277 10.59 5.14 1.75
N ALA B 278 10.51 5.45 3.04
CA ALA B 278 10.67 4.46 4.11
C ALA B 278 10.28 5.10 5.43
N HIS B 279 10.22 4.30 6.49
CA HIS B 279 10.02 4.84 7.81
C HIS B 279 11.33 5.28 8.43
N THR B 280 12.33 4.40 8.39
CA THR B 280 13.63 4.72 8.94
C THR B 280 14.65 4.32 7.89
N VAL B 281 15.79 5.03 7.85
CA VAL B 281 16.86 4.68 6.92
C VAL B 281 18.19 4.70 7.66
N TRP B 282 19.20 4.01 7.12
CA TRP B 282 20.51 4.03 7.76
C TRP B 282 21.57 4.40 6.75
N ILE B 283 22.74 4.74 7.29
CA ILE B 283 23.87 5.15 6.49
C ILE B 283 24.96 4.10 6.69
N GLY B 284 25.46 3.59 5.57
CA GLY B 284 26.32 2.41 5.56
C GLY B 284 27.74 2.73 5.98
N GLU B 285 28.50 1.68 6.18
CA GLU B 285 29.85 1.81 6.65
C GLU B 285 30.71 2.55 5.62
N ARG B 286 30.31 2.51 4.34
CA ARG B 286 31.14 3.06 3.25
C ARG B 286 30.72 4.47 2.83
N THR B 287 29.62 4.99 3.41
CA THR B 287 29.11 6.31 3.03
C THR B 287 28.89 7.22 4.24
N ARG B 288 29.43 6.81 5.39
CA ARG B 288 29.29 7.58 6.62
C ARG B 288 30.37 8.64 6.81
N GLN B 289 30.99 9.07 5.73
CA GLN B 289 31.93 10.19 5.80
C GLN B 289 31.30 11.34 6.60
N ILE B 290 31.99 11.79 7.65
CA ILE B 290 31.39 12.72 8.60
C ILE B 290 31.00 14.04 7.93
N ASP B 291 31.75 14.43 6.91
CA ASP B 291 31.40 15.64 6.19
C ASP B 291 30.89 15.36 4.77
N GLY B 292 30.42 14.13 4.56
CA GLY B 292 29.88 13.71 3.27
C GLY B 292 28.40 14.02 3.17
N ALA B 293 27.84 13.82 1.97
CA ALA B 293 26.44 14.14 1.71
C ALA B 293 25.43 13.27 2.47
N HIS B 294 25.80 12.02 2.75
CA HIS B 294 24.86 11.09 3.40
C HIS B 294 24.55 11.47 4.84
N ILE B 295 25.58 11.78 5.61
CA ILE B 295 25.39 12.25 6.99
C ILE B 295 24.65 13.58 7.00
N ALA B 296 25.05 14.47 6.08
CA ALA B 296 24.41 15.78 5.97
C ALA B 296 22.94 15.66 5.57
N PHE B 297 22.64 14.75 4.65
CA PHE B 297 21.25 14.51 4.22
C PHE B 297 20.47 13.99 5.42
N ALA B 298 21.06 13.06 6.17
CA ALA B 298 20.42 12.53 7.38
C ALA B 298 20.08 13.61 8.41
N GLN B 299 20.90 14.66 8.49
CA GLN B 299 20.67 15.78 9.41
C GLN B 299 19.49 16.64 9.00
N VAL B 300 19.10 16.57 7.73
CA VAL B 300 18.02 17.38 7.20
C VAL B 300 16.64 16.69 7.32
N ILE B 301 16.61 15.36 7.38
CA ILE B 301 15.32 14.65 7.41
C ILE B 301 14.83 14.37 8.84
N ALA B 302 13.52 14.24 8.97
CA ALA B 302 12.90 14.03 10.27
C ALA B 302 12.88 12.55 10.69
N ASN B 303 13.05 11.62 9.75
CA ASN B 303 13.04 10.19 10.06
C ASN B 303 14.02 9.77 11.16
N PRO B 304 13.66 8.75 11.96
CA PRO B 304 14.74 8.08 12.71
C PRO B 304 15.79 7.54 11.75
N VAL B 305 17.07 7.63 12.14
CA VAL B 305 18.16 7.16 11.30
C VAL B 305 19.13 6.27 12.07
N GLY B 306 19.88 5.45 11.34
CA GLY B 306 20.94 4.66 11.93
C GLY B 306 22.25 4.87 11.21
N VAL B 307 23.35 4.54 11.88
CA VAL B 307 24.66 4.57 11.23
C VAL B 307 25.38 3.29 11.57
N LYS B 308 25.91 2.61 10.54
CA LYS B 308 26.69 1.38 10.75
C LYS B 308 28.05 1.74 11.30
N LEU B 309 28.48 1.03 12.35
CA LEU B 309 29.81 1.24 12.91
C LEU B 309 30.65 -0.03 12.81
N GLY B 310 31.67 0.03 11.97
CA GLY B 310 32.58 -1.09 11.81
C GLY B 310 33.76 -1.01 12.77
N PRO B 311 34.70 -1.94 12.63
CA PRO B 311 35.79 -2.11 13.58
C PRO B 311 36.81 -0.96 13.66
N ASN B 312 36.83 -0.04 12.69
CA ASN B 312 37.75 1.09 12.85
C ASN B 312 37.10 2.29 13.54
N MET B 313 35.89 2.11 14.04
CA MET B 313 35.19 3.18 14.75
C MET B 313 35.95 3.58 16.01
N THR B 314 36.04 4.88 16.27
CA THR B 314 36.58 5.36 17.53
C THR B 314 35.47 5.91 18.40
N PRO B 315 35.69 5.93 19.73
CA PRO B 315 34.70 6.54 20.63
C PRO B 315 34.44 8.01 20.28
N GLU B 316 35.49 8.74 19.88
CA GLU B 316 35.38 10.16 19.53
C GLU B 316 34.48 10.39 18.31
N LEU B 317 34.69 9.62 17.26
CA LEU B 317 33.87 9.73 16.07
C LEU B 317 32.42 9.30 16.35
N ALA B 318 32.23 8.22 17.11
CA ALA B 318 30.87 7.83 17.53
C ALA B 318 30.13 9.02 18.16
N VAL B 319 30.79 9.71 19.09
CA VAL B 319 30.25 10.90 19.73
C VAL B 319 29.88 11.99 18.71
N GLU B 320 30.79 12.25 17.76
CA GLU B 320 30.55 13.25 16.73
C GLU B 320 29.30 12.92 15.89
N TYR B 321 29.09 11.65 15.53
CA TYR B 321 27.86 11.21 14.84
C TYR B 321 26.63 11.51 15.69
N VAL B 322 26.73 11.19 16.98
CA VAL B 322 25.63 11.44 17.92
C VAL B 322 25.28 12.92 17.98
N GLU B 323 26.29 13.77 18.02
CA GLU B 323 26.03 15.18 18.23
C GLU B 323 25.53 15.85 16.96
N ARG B 324 25.95 15.32 15.81
CA ARG B 324 25.45 15.82 14.54
C ARG B 324 24.05 15.34 14.22
N LEU B 325 23.75 14.09 14.58
CA LEU B 325 22.51 13.48 14.12
C LEU B 325 21.41 13.47 15.17
N ASP B 326 21.79 13.61 16.43
CA ASP B 326 20.81 13.76 17.51
C ASP B 326 21.04 15.09 18.25
N PRO B 327 21.06 16.22 17.53
CA PRO B 327 21.47 17.46 18.15
C PRO B 327 20.46 17.97 19.18
N HIS B 328 19.20 17.57 19.04
CA HIS B 328 18.16 17.98 19.98
C HIS B 328 17.94 17.02 21.15
N ASN B 329 18.81 16.01 21.28
CA ASN B 329 18.71 14.98 22.34
C ASN B 329 17.32 14.32 22.41
N LYS B 330 16.93 13.67 21.32
CA LYS B 330 15.64 12.98 21.24
C LYS B 330 15.88 11.48 21.26
N PRO B 331 15.55 10.81 22.38
CA PRO B 331 15.74 9.36 22.44
C PRO B 331 15.08 8.67 21.25
N GLY B 332 15.82 7.77 20.60
CA GLY B 332 15.26 7.01 19.49
C GLY B 332 15.51 7.58 18.10
N ARG B 333 15.96 8.84 18.03
CA ARG B 333 16.21 9.46 16.75
C ARG B 333 17.42 8.80 16.11
N LEU B 334 18.39 8.38 16.93
CA LEU B 334 19.58 7.77 16.40
C LEU B 334 19.83 6.36 16.89
N THR B 335 20.16 5.47 15.96
CA THR B 335 20.55 4.12 16.26
C THR B 335 22.01 3.92 15.82
N LEU B 336 22.84 3.44 16.74
CA LEU B 336 24.20 3.10 16.36
C LEU B 336 24.28 1.60 16.15
N VAL B 337 24.69 1.19 14.95
CA VAL B 337 24.61 -0.20 14.55
C VAL B 337 26.00 -0.79 14.47
N SER B 338 26.31 -1.58 15.48
CA SER B 338 27.61 -2.14 15.69
C SER B 338 27.76 -3.39 14.81
N ARG B 339 28.79 -3.41 13.97
CA ARG B 339 29.12 -4.63 13.22
C ARG B 339 30.65 -4.83 13.19
N MET B 340 31.14 -5.48 14.24
CA MET B 340 32.55 -5.50 14.56
C MET B 340 33.28 -6.75 14.10
N GLY B 341 32.57 -7.87 14.03
CA GLY B 341 33.22 -9.19 14.00
C GLY B 341 33.10 -9.80 15.38
N ASN B 342 32.82 -11.10 15.45
CA ASN B 342 32.64 -11.75 16.76
C ASN B 342 33.92 -11.76 17.59
N HIS B 343 35.06 -11.82 16.91
CA HIS B 343 36.35 -11.85 17.58
C HIS B 343 36.76 -10.46 18.06
N LYS B 344 36.04 -9.43 17.64
CA LYS B 344 36.43 -8.04 17.96
C LYS B 344 35.45 -7.27 18.84
N VAL B 345 34.18 -7.65 18.83
CA VAL B 345 33.15 -6.84 19.48
C VAL B 345 33.39 -6.64 20.98
N ARG B 346 33.90 -7.66 21.67
CA ARG B 346 34.09 -7.58 23.11
C ARG B 346 35.14 -6.55 23.49
N ASP B 347 36.13 -6.34 22.62
CA ASP B 347 37.18 -5.36 22.90
C ASP B 347 36.86 -3.98 22.34
N LEU B 348 36.21 -3.90 21.19
CA LEU B 348 36.07 -2.62 20.50
C LEU B 348 34.85 -1.81 20.92
N LEU B 349 33.77 -2.50 21.31
CA LEU B 349 32.52 -1.82 21.62
C LEU B 349 32.50 -1.07 22.98
N PRO B 350 33.02 -1.69 24.06
CA PRO B 350 32.86 -1.01 25.36
C PRO B 350 33.33 0.46 25.41
N PRO B 351 34.54 0.78 24.88
CA PRO B 351 34.94 2.20 24.99
C PRO B 351 34.04 3.12 24.17
N ILE B 352 33.54 2.64 23.04
CA ILE B 352 32.57 3.41 22.25
C ILE B 352 31.30 3.67 23.03
N VAL B 353 30.74 2.61 23.64
CA VAL B 353 29.52 2.74 24.45
C VAL B 353 29.70 3.71 25.64
N GLU B 354 30.81 3.57 26.37
CA GLU B 354 31.08 4.48 27.50
C GLU B 354 31.09 5.96 27.10
N LYS B 355 31.83 6.32 26.04
CA LYS B 355 31.90 7.71 25.60
C LYS B 355 30.56 8.28 25.20
N VAL B 356 29.82 7.53 24.39
CA VAL B 356 28.49 7.94 23.97
C VAL B 356 27.54 8.11 25.15
N GLN B 357 27.52 7.14 26.06
CA GLN B 357 26.65 7.23 27.24
C GLN B 357 26.94 8.48 28.07
N ALA B 358 28.21 8.87 28.14
CA ALA B 358 28.63 10.03 28.94
C ALA B 358 28.14 11.37 28.38
N THR B 359 27.73 11.39 27.11
CA THR B 359 27.21 12.62 26.49
C THR B 359 25.81 12.97 26.98
N GLY B 360 25.12 11.99 27.56
CA GLY B 360 23.75 12.21 28.01
C GLY B 360 22.69 11.97 26.95
N HIS B 361 23.10 11.74 25.71
CA HIS B 361 22.16 11.33 24.66
C HIS B 361 21.79 9.85 24.84
N GLN B 362 20.60 9.50 24.37
CA GLN B 362 20.11 8.14 24.45
C GLN B 362 19.95 7.57 23.05
N VAL B 363 20.96 6.85 22.60
CA VAL B 363 20.91 6.19 21.30
C VAL B 363 20.36 4.79 21.50
N ILE B 364 19.93 4.14 20.42
CA ILE B 364 19.67 2.73 20.46
C ILE B 364 20.95 2.04 20.05
N TRP B 365 21.39 1.08 20.88
CA TRP B 365 22.52 0.23 20.55
C TRP B 365 21.99 -1.00 19.87
N GLN B 366 22.31 -1.16 18.58
CA GLN B 366 21.79 -2.28 17.81
C GLN B 366 22.95 -3.12 17.29
N CYS B 367 22.83 -4.43 17.42
CA CYS B 367 23.88 -5.32 16.98
C CYS B 367 23.61 -5.82 15.56
N ASP B 368 24.56 -5.58 14.67
CA ASP B 368 24.51 -6.20 13.34
C ASP B 368 25.57 -7.29 13.35
N PRO B 369 25.15 -8.55 13.57
CA PRO B 369 26.18 -9.59 13.73
C PRO B 369 26.55 -10.22 12.40
N MET B 370 26.11 -9.63 11.30
CA MET B 370 26.33 -10.25 9.99
C MET B 370 27.52 -9.65 9.26
N HIS B 371 27.54 -8.33 9.19
CA HIS B 371 28.40 -7.69 8.19
C HIS B 371 29.87 -7.68 8.54
N GLY B 372 30.19 -7.99 9.80
CA GLY B 372 31.59 -8.15 10.20
C GLY B 372 32.09 -9.59 10.25
N ASN B 373 31.25 -10.53 9.87
CA ASN B 373 31.60 -11.96 9.98
C ASN B 373 31.49 -12.68 8.65
N THR B 374 31.86 -11.99 7.58
CA THR B 374 31.74 -12.54 6.25
C THR B 374 33.06 -13.05 5.71
N HIS B 375 33.04 -14.24 5.13
CA HIS B 375 34.22 -14.78 4.46
C HIS B 375 33.87 -15.49 3.15
N GLU B 376 34.89 -15.68 2.33
CA GLU B 376 34.80 -16.44 1.09
C GLU B 376 35.07 -17.91 1.39
N SER B 377 34.19 -18.79 0.92
CA SER B 377 34.39 -20.22 1.05
C SER B 377 35.30 -20.81 -0.05
N SER B 378 35.73 -22.06 0.14
CA SER B 378 36.54 -22.79 -0.85
C SER B 378 35.84 -22.87 -2.21
N THR B 379 34.53 -23.11 -2.17
CA THR B 379 33.74 -23.26 -3.38
C THR B 379 33.44 -21.94 -4.08
N GLY B 380 33.88 -20.83 -3.50
CA GLY B 380 33.75 -19.51 -4.15
C GLY B 380 32.52 -18.68 -3.77
N PHE B 381 31.83 -19.09 -2.71
CA PHE B 381 30.64 -18.35 -2.25
C PHE B 381 30.96 -17.41 -1.08
N LYS B 382 30.48 -16.17 -1.20
CA LYS B 382 30.44 -15.25 -0.06
C LYS B 382 29.50 -15.82 1.01
N THR B 383 30.03 -16.08 2.20
CA THR B 383 29.27 -16.80 3.21
C THR B 383 29.58 -16.34 4.63
N ARG B 384 28.84 -16.87 5.61
CA ARG B 384 29.01 -16.53 7.01
C ARG B 384 28.77 -17.79 7.84
N HIS B 385 29.59 -18.02 8.86
N HIS B 385 29.58 -17.97 8.87
CA HIS B 385 29.25 -19.12 9.75
CA HIS B 385 29.37 -19.02 9.86
C HIS B 385 28.25 -18.68 10.81
C HIS B 385 28.22 -18.63 10.81
N PHE B 386 27.21 -19.48 10.93
CA PHE B 386 26.17 -19.29 11.94
C PHE B 386 26.75 -19.03 13.34
N ASP B 387 27.74 -19.82 13.76
CA ASP B 387 28.35 -19.71 15.09
C ASP B 387 29.00 -18.36 15.35
N ARG B 388 29.59 -17.76 14.32
CA ARG B 388 30.22 -16.46 14.48
C ARG B 388 29.15 -15.38 14.63
N ILE B 389 28.06 -15.52 13.87
CA ILE B 389 26.92 -14.61 13.98
C ILE B 389 26.36 -14.65 15.41
N VAL B 390 26.08 -15.85 15.92
CA VAL B 390 25.55 -16.01 17.27
C VAL B 390 26.54 -15.44 18.28
N ASP B 391 27.82 -15.70 18.03
CA ASP B 391 28.84 -15.24 18.96
C ASP B 391 28.98 -13.72 19.03
N GLU B 392 28.77 -13.02 17.90
CA GLU B 392 28.82 -11.58 17.95
C GLU B 392 27.70 -11.02 18.83
N VAL B 393 26.47 -11.54 18.66
CA VAL B 393 25.36 -11.09 19.49
C VAL B 393 25.64 -11.36 20.98
N GLN B 394 26.13 -12.57 21.27
CA GLN B 394 26.56 -12.96 22.60
C GLN B 394 27.53 -11.94 23.21
N GLY B 395 28.56 -11.56 22.46
CA GLY B 395 29.55 -10.60 22.93
C GLY B 395 28.96 -9.21 23.11
N PHE B 396 28.05 -8.85 22.22
CA PHE B 396 27.32 -7.61 22.31
C PHE B 396 26.52 -7.54 23.62
N PHE B 397 25.80 -8.61 23.94
CA PHE B 397 25.12 -8.69 25.24
C PHE B 397 26.07 -8.55 26.42
N GLU B 398 27.20 -9.26 26.39
CA GLU B 398 28.15 -9.19 27.50
C GLU B 398 28.69 -7.77 27.69
N VAL B 399 28.91 -7.06 26.59
CA VAL B 399 29.40 -5.68 26.66
C VAL B 399 28.38 -4.83 27.43
N HIS B 400 27.11 -4.94 27.07
CA HIS B 400 26.06 -4.16 27.71
C HIS B 400 25.77 -4.54 29.16
N ARG B 401 25.79 -5.83 29.47
CA ARG B 401 25.57 -6.27 30.85
C ARG B 401 26.64 -5.71 31.76
N ALA B 402 27.88 -5.69 31.28
CA ALA B 402 29.00 -5.18 32.05
C ALA B 402 28.90 -3.68 32.29
N LEU B 403 28.38 -2.95 31.31
CA LEU B 403 28.27 -1.51 31.47
C LEU B 403 26.97 -1.10 32.12
N GLY B 404 26.02 -2.02 32.17
CA GLY B 404 24.67 -1.70 32.64
C GLY B 404 23.87 -0.89 31.63
N THR B 405 24.26 -0.98 30.37
CA THR B 405 23.55 -0.30 29.30
C THR B 405 22.56 -1.25 28.60
N HIS B 406 21.71 -0.70 27.75
CA HIS B 406 20.65 -1.49 27.10
C HIS B 406 21.12 -2.09 25.77
N PRO B 407 21.17 -3.44 25.70
CA PRO B 407 21.34 -4.07 24.39
C PRO B 407 20.03 -3.85 23.61
N GLY B 408 20.02 -2.94 22.64
CA GLY B 408 18.74 -2.40 22.17
C GLY B 408 18.05 -3.20 21.08
N GLY B 409 18.84 -3.99 20.35
CA GLY B 409 18.29 -4.77 19.28
C GLY B 409 19.31 -5.43 18.39
N ILE B 410 18.79 -6.08 17.34
CA ILE B 410 19.62 -6.74 16.32
C ILE B 410 19.19 -6.31 14.92
N HIS B 411 20.14 -6.36 13.99
CA HIS B 411 19.92 -6.01 12.61
C HIS B 411 20.44 -7.22 11.85
N VAL B 412 19.54 -8.00 11.24
CA VAL B 412 19.97 -9.25 10.62
C VAL B 412 19.54 -9.34 9.15
N GLU B 413 20.23 -10.16 8.39
CA GLU B 413 19.85 -10.41 7.02
C GLU B 413 19.28 -11.82 6.96
N ILE B 414 17.99 -11.90 6.60
CA ILE B 414 17.22 -13.13 6.68
C ILE B 414 16.30 -13.27 5.46
N THR B 415 15.81 -14.49 5.24
CA THR B 415 14.75 -14.70 4.28
C THR B 415 13.84 -15.83 4.75
N GLY B 416 12.57 -15.78 4.37
CA GLY B 416 11.63 -16.85 4.70
C GLY B 416 11.73 -18.09 3.83
N GLU B 417 12.81 -18.20 3.05
CA GLU B 417 13.05 -19.35 2.18
C GLU B 417 14.13 -20.26 2.72
N ASN B 418 14.08 -21.52 2.31
CA ASN B 418 15.07 -22.49 2.72
C ASN B 418 16.35 -22.42 1.85
N VAL B 419 17.02 -21.27 1.89
CA VAL B 419 18.22 -21.06 1.10
C VAL B 419 19.41 -21.72 1.79
N THR B 420 20.53 -21.78 1.08
CA THR B 420 21.78 -22.33 1.60
C THR B 420 22.84 -21.25 1.39
N GLU B 421 22.88 -20.26 2.28
CA GLU B 421 23.73 -19.10 2.08
C GLU B 421 24.74 -18.94 3.20
N CYS B 422 24.29 -19.18 4.44
CA CYS B 422 25.17 -19.17 5.60
C CYS B 422 25.44 -20.61 6.04
N LEU B 423 26.70 -20.89 6.39
CA LEU B 423 27.12 -22.19 6.88
C LEU B 423 26.60 -22.41 8.30
N GLY B 424 26.44 -23.67 8.66
CA GLY B 424 26.14 -24.04 10.04
C GLY B 424 24.66 -23.96 10.36
N GLY B 425 24.36 -23.68 11.63
CA GLY B 425 23.01 -23.86 12.15
C GLY B 425 22.72 -25.33 12.45
N ALA B 426 21.52 -25.61 12.97
CA ALA B 426 21.11 -26.98 13.25
C ALA B 426 21.18 -27.88 12.02
N GLN B 427 20.87 -27.32 10.85
CA GLN B 427 20.96 -28.04 9.58
C GLN B 427 22.39 -28.41 9.18
N ASP B 428 23.36 -27.81 9.87
CA ASP B 428 24.79 -27.99 9.59
C ASP B 428 25.13 -27.81 8.09
N ILE B 429 24.71 -26.68 7.54
CA ILE B 429 24.98 -26.37 6.15
C ILE B 429 26.50 -26.32 5.89
N SER B 430 26.94 -27.14 4.94
CA SER B 430 28.36 -27.25 4.61
C SER B 430 28.72 -26.39 3.40
N GLU B 431 30.02 -26.25 3.13
CA GLU B 431 30.52 -25.54 1.95
C GLU B 431 29.93 -26.11 0.66
N THR B 432 29.78 -27.43 0.64
CA THR B 432 29.21 -28.17 -0.47
C THR B 432 27.71 -27.88 -0.64
N ASP B 433 27.01 -27.77 0.49
CA ASP B 433 25.58 -27.48 0.49
C ASP B 433 25.24 -26.12 -0.11
N LEU B 434 26.16 -25.16 0.02
CA LEU B 434 25.95 -23.79 -0.45
C LEU B 434 25.50 -23.72 -1.90
N ALA B 435 26.01 -24.61 -2.73
CA ALA B 435 25.68 -24.65 -4.16
C ALA B 435 24.22 -24.96 -4.46
N GLY B 436 23.49 -25.53 -3.50
CA GLY B 436 22.10 -25.94 -3.75
C GLY B 436 21.11 -24.80 -3.99
N ARG B 437 21.07 -23.84 -3.06
CA ARG B 437 20.11 -22.74 -3.13
C ARG B 437 20.77 -21.45 -2.67
N TYR B 438 21.81 -21.04 -3.39
CA TYR B 438 22.45 -19.76 -3.12
C TYR B 438 21.72 -18.71 -3.96
N GLU B 439 20.78 -18.01 -3.35
CA GLU B 439 19.85 -17.19 -4.13
C GLU B 439 20.07 -15.68 -3.99
N THR B 440 20.82 -15.28 -2.98
CA THR B 440 21.01 -13.88 -2.67
C THR B 440 21.70 -13.12 -3.82
N ALA B 441 21.23 -11.90 -4.07
CA ALA B 441 21.88 -11.00 -5.03
C ALA B 441 23.10 -10.29 -4.46
N CYS B 442 23.38 -10.48 -3.16
CA CYS B 442 24.56 -9.88 -2.54
C CYS B 442 25.05 -10.69 -1.31
N ASP B 443 24.75 -10.24 -0.08
CA ASP B 443 25.28 -10.94 1.12
C ASP B 443 24.46 -12.18 1.43
N PRO B 444 25.08 -13.21 2.04
CA PRO B 444 24.35 -14.42 2.43
C PRO B 444 23.38 -14.15 3.58
N ARG B 445 22.14 -14.60 3.44
CA ARG B 445 21.12 -14.44 4.48
C ARG B 445 20.97 -15.70 5.29
N LEU B 446 20.54 -15.57 6.55
CA LEU B 446 20.02 -16.71 7.30
C LEU B 446 18.74 -17.17 6.64
N ASN B 447 18.59 -18.48 6.47
CA ASN B 447 17.33 -19.05 5.97
C ASN B 447 16.24 -19.09 7.08
N THR B 448 15.05 -19.61 6.74
CA THR B 448 13.91 -19.65 7.67
C THR B 448 14.36 -20.20 9.02
N GLN B 449 14.93 -21.39 8.98
CA GLN B 449 15.30 -22.13 10.17
C GLN B 449 16.43 -21.45 10.93
N GLN B 450 17.43 -20.94 10.22
CA GLN B 450 18.56 -20.28 10.89
C GLN B 450 18.09 -19.00 11.61
N SER B 451 17.19 -18.24 10.97
CA SER B 451 16.66 -16.99 11.56
C SER B 451 15.92 -17.30 12.86
N LEU B 452 15.08 -18.31 12.80
CA LEU B 452 14.29 -18.76 13.92
C LEU B 452 15.22 -19.27 15.03
N GLU B 453 16.21 -20.08 14.66
CA GLU B 453 17.16 -20.58 15.62
C GLU B 453 17.88 -19.40 16.30
N LEU B 454 18.24 -18.37 15.53
CA LEU B 454 18.92 -17.23 16.12
C LEU B 454 17.99 -16.50 17.10
N ALA B 455 16.71 -16.38 16.75
CA ALA B 455 15.74 -15.74 17.64
C ALA B 455 15.66 -16.47 18.98
N PHE B 456 15.58 -17.80 18.95
CA PHE B 456 15.57 -18.61 20.16
C PHE B 456 16.83 -18.38 21.00
N LEU B 457 17.98 -18.34 20.34
CA LEU B 457 19.26 -18.17 21.04
C LEU B 457 19.38 -16.77 21.63
N VAL B 458 18.91 -15.77 20.89
CA VAL B 458 18.91 -14.41 21.41
C VAL B 458 17.88 -14.24 22.53
N ALA B 459 16.73 -14.91 22.40
CA ALA B 459 15.77 -15.00 23.51
C ALA B 459 16.44 -15.49 24.81
N GLU B 460 17.32 -16.48 24.70
CA GLU B 460 18.02 -16.98 25.91
C GLU B 460 19.04 -15.98 26.46
N MET B 461 19.67 -15.22 25.57
CA MET B 461 20.56 -14.14 26.00
C MET B 461 19.77 -13.05 26.73
N LEU B 462 18.54 -12.80 26.27
CA LEU B 462 17.69 -11.82 26.92
C LEU B 462 17.22 -12.29 28.31
N ARG B 463 17.00 -13.59 28.50
CA ARG B 463 16.54 -14.13 29.78
C ARG B 463 17.68 -14.25 30.78
N ASP B 464 18.87 -14.64 30.30
CA ASP B 464 20.04 -14.82 31.16
C ASP B 464 20.25 -13.65 32.12
#